data_6IFM
#
_entry.id   6IFM
#
_cell.length_a   93.677
_cell.length_b   93.677
_cell.length_c   122.440
_cell.angle_alpha   90.00
_cell.angle_beta   90.00
_cell.angle_gamma   120.00
#
_symmetry.space_group_name_H-M   'P 31'
#
loop_
_entity.id
_entity.type
_entity.pdbx_description
1 polymer 'tRNA(fMet)-specific endonuclease VapC'
2 polymer 'Antitoxin VapB'
3 polymer 'DNA forward (27-MER)'
4 polymer 'DNA backward (27-MER)'
5 water water
#
loop_
_entity_poly.entity_id
_entity_poly.type
_entity_poly.pdbx_seq_one_letter_code
_entity_poly.pdbx_strand_id
1 'polypeptide(L)'
;MLKFMLDTNTCIFTIKNKPEHIRERFNLNTSRMCISSITLMELIYGAEKSLAPERNLAVVEGFISRLEVLDYDTQAAIHT
GQIRAELARKGTPVGPYDQMIAGHAGSRGLVVVTNNLREFERIPGIRIEDWC
;
A,E,C,G
2 'polypeptide(L)' MHTTLFFSNRTQAVRLPKSISFPEDVKHVEIIAVGRSRIITPVGESWDSWFDGEGASTDFMSTREQPA B,F,H,D
3 'polydeoxyribonucleotide'
;(DC)(DC)(DT)(DG)(DT)(DA)(DT)(DA)(DT)(DC)(DT)(DC)(DT)(DT)(DT)(DG)(DA)(DC)(DA)(DT)
(DA)(DT)(DA)(DC)(DA)(DT)(DC)
;
M
4 'polydeoxyribonucleotide'
;(DG)(DA)(DT)(DG)(DT)(DA)(DT)(DA)(DT)(DG)(DT)(DC)(DA)(DA)(DA)(DG)(DA)(DG)(DA)(DT)
(DA)(DT)(DA)(DC)(DA)(DG)(DG)
;
N
#
loop_
_chem_comp.id
_chem_comp.type
_chem_comp.name
_chem_comp.formula
DA DNA linking 2'-DEOXYADENOSINE-5'-MONOPHOSPHATE 'C10 H14 N5 O6 P'
DC DNA linking 2'-DEOXYCYTIDINE-5'-MONOPHOSPHATE 'C9 H14 N3 O7 P'
DG DNA linking 2'-DEOXYGUANOSINE-5'-MONOPHOSPHATE 'C10 H14 N5 O7 P'
DT DNA linking THYMIDINE-5'-MONOPHOSPHATE 'C10 H15 N2 O8 P'
#
# COMPACT_ATOMS: atom_id res chain seq x y z
N MET A 1 -24.02 7.81 6.67
CA MET A 1 -24.60 9.06 7.17
C MET A 1 -23.86 10.32 6.71
N LEU A 2 -22.84 10.16 5.86
CA LEU A 2 -22.23 11.32 5.24
C LEU A 2 -23.26 12.04 4.37
N LYS A 3 -23.30 13.36 4.49
CA LYS A 3 -24.25 14.12 3.69
C LYS A 3 -23.55 15.22 2.88
N PHE A 4 -22.44 15.74 3.39
CA PHE A 4 -21.74 16.83 2.72
C PHE A 4 -20.37 16.40 2.22
N MET A 5 -19.98 16.93 1.06
CA MET A 5 -18.63 16.74 0.56
C MET A 5 -18.11 18.08 0.03
N LEU A 6 -17.28 18.74 0.84
CA LEU A 6 -16.81 20.10 0.59
C LEU A 6 -15.96 20.20 -0.68
N ASP A 7 -16.03 21.36 -1.31
CA ASP A 7 -15.25 21.64 -2.52
C ASP A 7 -13.87 22.22 -2.17
N THR A 8 -12.97 22.18 -3.16
CA THR A 8 -11.61 22.69 -2.96
C THR A 8 -11.65 24.16 -2.58
N ASN A 9 -12.49 24.95 -3.26
CA ASN A 9 -12.62 26.35 -2.88
C ASN A 9 -13.12 26.49 -1.46
N THR A 10 -14.08 25.64 -1.07
CA THR A 10 -14.54 25.58 0.32
C THR A 10 -13.37 25.35 1.27
N CYS A 11 -12.61 24.27 1.03
CA CYS A 11 -11.50 23.90 1.91
C CYS A 11 -10.40 24.98 1.90
N ILE A 12 -9.97 25.43 0.72
CA ILE A 12 -8.93 26.47 0.66
C ILE A 12 -9.35 27.66 1.53
N PHE A 13 -10.58 28.12 1.31
CA PHE A 13 -11.06 29.28 2.05
C PHE A 13 -11.00 29.04 3.55
N THR A 14 -11.47 27.86 4.02
CA THR A 14 -11.51 27.59 5.46
C THR A 14 -10.10 27.71 6.04
N ILE A 15 -9.11 27.15 5.33
CA ILE A 15 -7.72 27.15 5.79
C ILE A 15 -7.16 28.57 5.85
N LYS A 16 -7.30 29.34 4.78
CA LYS A 16 -6.70 30.66 4.78
C LYS A 16 -7.39 31.61 5.74
N ASN A 17 -8.69 31.42 5.97
CA ASN A 17 -9.44 32.43 6.68
C ASN A 17 -9.93 31.98 8.04
N LYS A 18 -10.06 30.66 8.27
CA LYS A 18 -10.58 30.09 9.51
C LYS A 18 -11.65 31.00 10.09
N PRO A 19 -12.71 31.36 9.30
CA PRO A 19 -13.79 32.19 9.86
C PRO A 19 -14.50 31.52 11.00
N GLU A 20 -15.46 32.23 11.59
CA GLU A 20 -16.11 31.74 12.79
C GLU A 20 -17.38 30.96 12.51
N HIS A 21 -18.29 31.54 11.71
CA HIS A 21 -19.49 30.78 11.32
C HIS A 21 -19.12 29.44 10.72
N ILE A 22 -18.09 29.42 9.87
CA ILE A 22 -17.63 28.18 9.27
C ILE A 22 -17.15 27.18 10.32
N ARG A 23 -16.60 27.67 11.43
CA ARG A 23 -16.17 26.76 12.50
C ARG A 23 -17.38 26.22 13.28
N GLU A 24 -18.42 27.03 13.47
CA GLU A 24 -19.63 26.51 14.07
C GLU A 24 -20.29 25.47 13.18
N ARG A 25 -20.32 25.73 11.88
CA ARG A 25 -20.95 24.78 10.98
C ARG A 25 -20.17 23.47 10.96
N PHE A 26 -18.86 23.57 10.80
CA PHE A 26 -17.98 22.40 10.86
C PHE A 26 -18.25 21.57 12.11
N ASN A 27 -18.40 22.21 13.26
CA ASN A 27 -18.61 21.54 14.53
C ASN A 27 -19.97 20.85 14.61
N LEU A 28 -20.97 21.37 13.90
CA LEU A 28 -22.31 20.80 13.96
C LEU A 28 -22.50 19.65 12.97
N ASN A 29 -21.82 19.72 11.82
CA ASN A 29 -21.93 18.76 10.73
C ASN A 29 -20.92 17.63 10.80
N THR A 30 -20.11 17.56 11.86
CA THR A 30 -19.03 16.59 11.94
C THR A 30 -19.51 15.16 11.77
N SER A 31 -18.76 14.37 10.98
CA SER A 31 -19.08 13.01 10.55
C SER A 31 -20.15 12.99 9.46
N ARG A 32 -20.72 14.14 9.12
CA ARG A 32 -21.66 14.29 8.03
C ARG A 32 -21.02 15.05 6.89
N MET A 33 -19.72 15.29 6.98
CA MET A 33 -19.00 16.00 5.93
C MET A 33 -17.80 15.15 5.53
N CYS A 34 -17.43 15.26 4.26
CA CYS A 34 -16.24 14.57 3.74
C CYS A 34 -15.63 15.43 2.64
N ILE A 35 -14.55 14.92 2.06
CA ILE A 35 -13.98 15.50 0.86
C ILE A 35 -13.62 14.36 -0.09
N SER A 36 -13.62 14.68 -1.39
CA SER A 36 -13.11 13.76 -2.37
C SER A 36 -11.59 13.79 -2.32
N SER A 37 -10.96 12.63 -2.49
CA SER A 37 -9.50 12.61 -2.56
C SER A 37 -8.97 13.62 -3.57
N ILE A 38 -9.74 13.90 -4.63
CA ILE A 38 -9.29 14.81 -5.68
C ILE A 38 -8.93 16.16 -5.08
N THR A 39 -9.67 16.55 -4.04
CA THR A 39 -9.40 17.76 -3.29
C THR A 39 -8.22 17.59 -2.35
N LEU A 40 -8.00 16.38 -1.86
CA LEU A 40 -6.80 16.08 -1.07
C LEU A 40 -5.54 16.26 -1.91
N MET A 41 -5.60 15.85 -3.18
CA MET A 41 -4.43 16.05 -4.03
C MET A 41 -4.15 17.54 -4.17
N GLU A 42 -5.16 18.33 -4.52
CA GLU A 42 -4.94 19.76 -4.68
C GLU A 42 -4.41 20.38 -3.39
N LEU A 43 -4.80 19.82 -2.24
CA LEU A 43 -4.44 20.38 -0.95
C LEU A 43 -2.99 20.10 -0.56
N ILE A 44 -2.42 18.99 -1.02
CA ILE A 44 -1.03 18.76 -0.64
C ILE A 44 -0.10 19.31 -1.69
N TYR A 45 -0.55 19.35 -2.94
CA TYR A 45 0.07 20.21 -3.95
C TYR A 45 0.28 21.63 -3.41
N GLY A 46 -0.82 22.30 -3.06
CA GLY A 46 -0.72 23.67 -2.58
C GLY A 46 0.23 23.82 -1.41
N ALA A 47 0.30 22.81 -0.55
CA ALA A 47 1.20 22.86 0.61
C ALA A 47 2.65 22.66 0.18
N GLU A 48 2.91 21.65 -0.65
CA GLU A 48 4.25 21.41 -1.19
C GLU A 48 4.78 22.64 -1.94
N LYS A 49 4.06 23.08 -2.98
CA LYS A 49 4.50 24.21 -3.79
C LYS A 49 4.48 25.53 -3.01
N SER A 50 4.19 25.49 -1.72
CA SER A 50 4.19 26.70 -0.94
C SER A 50 5.61 27.06 -0.49
N LEU A 51 5.73 28.26 0.09
CA LEU A 51 6.97 28.72 0.70
C LEU A 51 7.06 28.33 2.17
N ALA A 52 6.33 27.29 2.58
CA ALA A 52 6.37 26.75 3.92
C ALA A 52 5.83 25.31 3.90
N PRO A 53 6.47 24.40 3.17
CA PRO A 53 5.82 23.11 2.89
C PRO A 53 5.49 22.27 4.11
N GLU A 54 6.36 22.23 5.13
CA GLU A 54 6.14 21.38 6.29
C GLU A 54 5.12 21.98 7.27
N ARG A 55 5.11 23.31 7.41
CA ARG A 55 4.04 23.92 8.19
C ARG A 55 2.70 23.70 7.50
N ASN A 56 2.67 23.86 6.18
CA ASN A 56 1.39 23.80 5.48
C ASN A 56 0.85 22.38 5.45
N LEU A 57 1.71 21.38 5.22
CA LEU A 57 1.29 19.97 5.28
C LEU A 57 0.83 19.57 6.68
N ALA A 58 1.16 20.35 7.71
CA ALA A 58 0.74 20.03 9.07
C ALA A 58 -0.60 20.67 9.44
N VAL A 59 -1.03 21.68 8.70
CA VAL A 59 -2.39 22.17 8.78
C VAL A 59 -3.32 21.30 7.97
N VAL A 60 -2.87 20.89 6.78
CA VAL A 60 -3.66 20.00 5.95
C VAL A 60 -3.89 18.67 6.66
N GLU A 61 -2.91 18.20 7.42
CA GLU A 61 -3.08 16.93 8.12
C GLU A 61 -4.14 17.05 9.21
N GLY A 62 -4.10 18.14 9.99
CA GLY A 62 -5.10 18.35 10.99
C GLY A 62 -6.49 18.49 10.42
N PHE A 63 -6.58 18.77 9.12
CA PHE A 63 -7.84 19.00 8.43
C PHE A 63 -8.46 17.71 7.92
N ILE A 64 -7.69 16.90 7.19
CA ILE A 64 -8.23 15.64 6.70
C ILE A 64 -8.56 14.72 7.87
N SER A 65 -7.75 14.76 8.93
CA SER A 65 -7.88 13.78 10.01
C SER A 65 -9.14 13.95 10.83
N ARG A 66 -9.78 15.13 10.80
CA ARG A 66 -11.03 15.35 11.52
C ARG A 66 -12.26 15.00 10.69
N LEU A 67 -12.13 14.93 9.36
CA LEU A 67 -13.21 14.49 8.45
C LEU A 67 -12.73 13.35 7.55
N GLU A 68 -13.49 13.03 6.50
CA GLU A 68 -13.35 11.77 5.78
C GLU A 68 -12.75 11.99 4.39
N VAL A 69 -11.93 11.03 3.93
CA VAL A 69 -11.45 11.10 2.55
C VAL A 69 -12.00 9.95 1.72
N LEU A 70 -13.16 10.19 1.11
CA LEU A 70 -13.77 9.20 0.23
C LEU A 70 -12.92 9.01 -1.00
N ASP A 71 -12.61 7.75 -1.28
CA ASP A 71 -11.92 7.35 -2.50
C ASP A 71 -12.73 7.66 -3.75
N TYR A 72 -12.06 8.21 -4.77
CA TYR A 72 -12.64 8.39 -6.11
C TYR A 72 -12.65 7.05 -6.86
N ASP A 73 -13.66 6.22 -6.53
CA ASP A 73 -13.75 4.84 -6.98
C ASP A 73 -14.43 4.72 -8.36
N THR A 74 -14.86 3.51 -8.73
CA THR A 74 -15.32 3.25 -10.09
C THR A 74 -16.75 3.74 -10.31
N GLN A 75 -17.62 3.61 -9.31
CA GLN A 75 -18.95 4.23 -9.42
C GLN A 75 -18.84 5.74 -9.59
N ALA A 76 -17.86 6.35 -8.92
CA ALA A 76 -17.64 7.78 -9.10
C ALA A 76 -17.07 8.10 -10.46
N ALA A 77 -16.40 7.11 -11.09
CA ALA A 77 -15.85 7.33 -12.42
C ALA A 77 -16.97 7.54 -13.43
N ILE A 78 -17.84 6.54 -13.55
CA ILE A 78 -18.95 6.63 -14.51
C ILE A 78 -19.68 7.96 -14.38
N HIS A 79 -20.11 8.30 -13.17
CA HIS A 79 -20.82 9.57 -12.98
C HIS A 79 -20.05 10.76 -13.56
N THR A 80 -18.74 10.82 -13.33
CA THR A 80 -17.97 11.95 -13.86
C THR A 80 -17.97 11.93 -15.39
N GLY A 81 -17.66 10.78 -15.98
CA GLY A 81 -17.60 10.66 -17.44
C GLY A 81 -18.95 10.75 -18.13
N GLN A 82 -20.06 10.52 -17.42
CA GLN A 82 -21.36 10.85 -17.99
C GLN A 82 -21.55 12.36 -18.06
N ILE A 83 -21.54 13.04 -16.91
CA ILE A 83 -21.81 14.47 -16.88
C ILE A 83 -20.66 15.24 -17.53
N ARG A 84 -19.49 14.60 -17.68
CA ARG A 84 -18.44 15.20 -18.48
C ARG A 84 -18.85 15.26 -19.94
N ALA A 85 -19.59 14.25 -20.41
CA ALA A 85 -20.05 14.20 -21.80
C ALA A 85 -21.22 15.14 -22.02
N GLU A 86 -22.26 15.04 -21.20
CA GLU A 86 -23.45 15.86 -21.44
C GLU A 86 -23.15 17.35 -21.30
N LEU A 87 -22.09 17.72 -20.58
CA LEU A 87 -21.63 19.10 -20.62
C LEU A 87 -20.99 19.46 -21.98
N ALA A 88 -20.42 18.48 -22.69
CA ALA A 88 -19.90 18.75 -24.04
C ALA A 88 -21.03 18.95 -25.03
N ARG A 89 -22.10 18.15 -24.92
CA ARG A 89 -23.29 18.38 -25.72
C ARG A 89 -23.80 19.80 -25.56
N LYS A 90 -23.74 20.33 -24.32
CA LYS A 90 -24.26 21.65 -23.99
C LYS A 90 -23.19 22.75 -24.09
N GLY A 91 -21.99 22.41 -24.56
CA GLY A 91 -20.94 23.36 -24.82
C GLY A 91 -20.44 24.24 -23.69
N THR A 92 -20.84 23.98 -22.44
CA THR A 92 -20.27 24.73 -21.33
C THR A 92 -19.17 23.92 -20.67
N PRO A 93 -17.95 24.45 -20.60
CA PRO A 93 -16.82 23.70 -20.05
C PRO A 93 -16.62 24.00 -18.58
N VAL A 94 -16.18 22.97 -17.86
CA VAL A 94 -15.97 23.02 -16.42
C VAL A 94 -14.60 22.42 -16.12
N GLY A 95 -13.93 22.99 -15.11
CA GLY A 95 -12.63 22.54 -14.67
C GLY A 95 -12.55 21.03 -14.51
N PRO A 96 -11.36 20.44 -14.66
CA PRO A 96 -11.28 18.97 -14.51
C PRO A 96 -11.40 18.51 -13.07
N TYR A 97 -10.69 19.16 -12.15
CA TYR A 97 -10.84 18.86 -10.74
C TYR A 97 -12.24 19.19 -10.22
N ASP A 98 -12.81 20.36 -10.60
CA ASP A 98 -14.18 20.72 -10.23
C ASP A 98 -15.19 19.74 -10.83
N GLN A 99 -14.91 19.18 -12.02
CA GLN A 99 -15.76 18.18 -12.65
C GLN A 99 -15.52 16.77 -12.13
N MET A 100 -14.37 16.52 -11.51
CA MET A 100 -14.15 15.22 -10.90
C MET A 100 -14.62 15.19 -9.46
N ILE A 101 -14.60 16.35 -8.79
CA ILE A 101 -15.39 16.49 -7.57
C ILE A 101 -16.85 16.16 -7.87
N ALA A 102 -17.49 17.00 -8.71
CA ALA A 102 -18.92 16.91 -9.01
C ALA A 102 -19.36 15.48 -9.26
N GLY A 103 -18.62 14.75 -10.10
CA GLY A 103 -18.94 13.37 -10.42
C GLY A 103 -18.76 12.41 -9.27
N HIS A 104 -18.02 12.82 -8.24
CA HIS A 104 -17.93 12.07 -6.99
C HIS A 104 -19.12 12.35 -6.07
N ALA A 105 -19.50 13.63 -5.90
CA ALA A 105 -20.54 13.97 -4.93
C ALA A 105 -21.89 13.36 -5.30
N GLY A 106 -22.23 13.41 -6.59
CA GLY A 106 -23.48 12.81 -7.04
C GLY A 106 -23.48 11.29 -6.91
N SER A 107 -22.37 10.63 -7.25
CA SER A 107 -22.34 9.18 -7.23
C SER A 107 -22.67 8.62 -5.85
N ARG A 108 -22.62 9.46 -4.84
CA ARG A 108 -22.92 9.06 -3.47
C ARG A 108 -23.90 10.03 -2.84
N GLY A 109 -24.84 10.55 -3.63
CA GLY A 109 -25.87 11.49 -3.20
C GLY A 109 -25.44 12.46 -2.12
N LEU A 110 -24.60 13.46 -2.46
CA LEU A 110 -23.98 14.35 -1.47
C LEU A 110 -24.02 15.81 -1.92
N VAL A 111 -23.92 16.71 -0.94
CA VAL A 111 -24.11 18.16 -1.15
C VAL A 111 -22.74 18.85 -1.22
N VAL A 112 -22.50 19.54 -2.33
CA VAL A 112 -21.18 19.82 -2.90
C VAL A 112 -20.40 20.86 -2.11
N VAL A 113 -20.91 21.27 -0.96
CA VAL A 113 -20.85 22.64 -0.47
C VAL A 113 -19.68 23.45 -1.01
N THR A 114 -19.94 24.54 -1.73
CA THR A 114 -18.87 25.31 -2.37
C THR A 114 -19.12 26.81 -2.19
N ASN A 115 -18.25 27.61 -2.78
CA ASN A 115 -18.47 29.05 -2.90
C ASN A 115 -18.36 29.56 -4.32
N ASN A 116 -17.97 28.72 -5.28
CA ASN A 116 -18.09 29.07 -6.69
C ASN A 116 -19.36 28.44 -7.26
N LEU A 117 -20.49 28.90 -6.73
CA LEU A 117 -21.78 28.28 -7.06
C LEU A 117 -22.18 28.57 -8.50
N ARG A 118 -21.94 29.79 -8.98
CA ARG A 118 -22.27 30.11 -10.37
C ARG A 118 -21.44 29.26 -11.34
N GLU A 119 -20.22 28.93 -10.97
CA GLU A 119 -19.45 27.96 -11.74
C GLU A 119 -20.14 26.61 -11.80
N PHE A 120 -20.58 26.11 -10.65
CA PHE A 120 -21.02 24.73 -10.56
C PHE A 120 -22.43 24.50 -11.10
N GLU A 121 -23.28 25.53 -11.18
CA GLU A 121 -24.69 25.30 -11.47
C GLU A 121 -24.89 24.54 -12.78
N ARG A 122 -24.06 24.84 -13.79
CA ARG A 122 -24.15 24.20 -15.08
C ARG A 122 -24.11 22.67 -14.99
N ILE A 123 -23.66 22.13 -13.87
CA ILE A 123 -23.53 20.69 -13.68
C ILE A 123 -24.91 20.07 -13.48
N PRO A 124 -25.34 19.21 -14.39
CA PRO A 124 -26.73 18.70 -14.35
C PRO A 124 -26.98 17.80 -13.13
N GLY A 125 -27.91 18.23 -12.29
CA GLY A 125 -28.43 17.38 -11.24
C GLY A 125 -27.52 17.20 -10.04
N ILE A 126 -26.78 18.25 -9.69
CA ILE A 126 -25.90 18.27 -8.52
C ILE A 126 -26.49 19.24 -7.49
N ARG A 127 -26.57 18.77 -6.23
CA ARG A 127 -27.16 19.52 -5.13
C ARG A 127 -26.05 20.23 -4.36
N ILE A 128 -26.14 21.56 -4.29
CA ILE A 128 -25.06 22.41 -3.85
C ILE A 128 -25.52 23.23 -2.64
N GLU A 129 -24.53 23.81 -1.95
CA GLU A 129 -24.74 24.82 -0.91
C GLU A 129 -23.50 25.69 -0.85
N ASP A 130 -23.58 26.74 -0.04
CA ASP A 130 -22.44 27.53 0.40
C ASP A 130 -22.45 27.57 1.93
N TRP A 131 -21.24 27.65 2.50
CA TRP A 131 -21.03 27.86 3.92
C TRP A 131 -20.17 29.08 4.24
N CYS A 132 -19.32 29.53 3.32
CA CYS A 132 -18.58 30.78 3.50
C CYS A 132 -19.48 31.95 3.92
N MET B 1 -0.37 -22.48 13.73
CA MET B 1 0.87 -22.71 14.47
C MET B 1 1.95 -23.18 13.49
N LEU B 2 2.82 -22.24 13.12
CA LEU B 2 3.85 -22.45 12.11
C LEU B 2 5.09 -23.02 12.75
N LYS B 3 5.74 -23.92 12.07
CA LYS B 3 6.98 -24.49 12.57
C LYS B 3 8.12 -24.33 11.59
N PHE B 4 7.83 -24.28 10.30
CA PHE B 4 8.84 -24.54 9.29
C PHE B 4 9.00 -23.36 8.35
N MET B 5 10.16 -22.74 8.37
CA MET B 5 10.53 -21.75 7.38
C MET B 5 11.35 -22.46 6.31
N LEU B 6 10.75 -22.65 5.15
CA LEU B 6 11.50 -23.18 4.03
C LEU B 6 12.48 -22.10 3.56
N ASP B 7 13.74 -22.50 3.34
CA ASP B 7 14.76 -21.59 2.86
C ASP B 7 14.54 -21.34 1.37
N THR B 8 15.34 -20.41 0.81
CA THR B 8 15.34 -20.27 -0.65
C THR B 8 15.79 -21.54 -1.36
N ASN B 9 16.80 -22.25 -0.82
CA ASN B 9 17.33 -23.42 -1.53
C ASN B 9 16.28 -24.52 -1.70
N THR B 10 15.50 -24.78 -0.64
CA THR B 10 14.41 -25.75 -0.75
C THR B 10 13.39 -25.29 -1.79
N CYS B 11 12.89 -24.05 -1.65
CA CYS B 11 11.97 -23.46 -2.61
C CYS B 11 12.46 -23.77 -4.02
N ILE B 12 13.62 -23.18 -4.39
CA ILE B 12 14.22 -23.39 -5.70
C ILE B 12 14.26 -24.87 -6.07
N PHE B 13 14.75 -25.71 -5.16
CA PHE B 13 14.87 -27.12 -5.48
C PHE B 13 13.51 -27.73 -5.76
N THR B 14 12.46 -27.33 -4.99
CA THR B 14 11.14 -27.91 -5.21
C THR B 14 10.54 -27.41 -6.53
N ILE B 15 10.68 -26.10 -6.79
CA ILE B 15 10.25 -25.52 -8.07
C ILE B 15 10.85 -26.28 -9.26
N LYS B 16 12.13 -26.63 -9.20
CA LYS B 16 12.77 -27.24 -10.36
C LYS B 16 12.41 -28.72 -10.53
N ASN B 17 12.28 -29.44 -9.42
CA ASN B 17 12.24 -30.88 -9.45
C ASN B 17 10.91 -31.46 -9.04
N LYS B 18 10.04 -30.64 -8.39
CA LYS B 18 8.75 -31.04 -7.83
C LYS B 18 8.83 -32.48 -7.34
N PRO B 19 9.75 -32.82 -6.43
CA PRO B 19 9.89 -34.24 -6.04
C PRO B 19 8.67 -34.76 -5.29
N GLU B 20 8.60 -36.08 -5.24
CA GLU B 20 7.46 -36.75 -4.63
C GLU B 20 7.59 -36.82 -3.11
N HIS B 21 8.83 -36.96 -2.60
CA HIS B 21 8.96 -37.01 -1.14
C HIS B 21 8.70 -35.65 -0.51
N ILE B 22 8.93 -34.57 -1.25
CA ILE B 22 8.51 -33.24 -0.79
C ILE B 22 6.99 -33.12 -0.82
N ARG B 23 6.36 -33.68 -1.85
CA ARG B 23 4.92 -33.48 -2.06
C ARG B 23 4.08 -34.10 -0.94
N GLU B 24 4.51 -35.25 -0.40
CA GLU B 24 3.80 -35.78 0.75
C GLU B 24 4.09 -34.92 1.98
N ARG B 25 5.33 -34.43 2.09
CA ARG B 25 5.66 -33.56 3.21
C ARG B 25 4.82 -32.29 3.17
N PHE B 26 4.83 -31.59 2.04
CA PHE B 26 4.03 -30.39 1.88
C PHE B 26 2.55 -30.62 2.21
N ASN B 27 2.06 -31.86 2.03
CA ASN B 27 0.65 -32.13 2.30
C ASN B 27 0.37 -32.33 3.79
N LEU B 28 1.24 -33.05 4.49
CA LEU B 28 1.09 -33.19 5.93
C LEU B 28 1.21 -31.84 6.62
N ASN B 29 2.32 -31.15 6.37
CA ASN B 29 2.73 -29.97 7.10
C ASN B 29 2.17 -28.69 6.51
N THR B 30 1.00 -28.76 5.86
CA THR B 30 0.48 -27.65 5.09
C THR B 30 0.32 -26.37 5.93
N SER B 31 -0.34 -26.48 7.09
CA SER B 31 -0.68 -25.31 7.90
C SER B 31 0.40 -24.94 8.92
N ARG B 32 1.66 -25.42 8.73
CA ARG B 32 2.78 -25.02 9.57
C ARG B 32 3.95 -24.43 8.78
N MET B 33 3.82 -24.22 7.47
CA MET B 33 4.95 -23.88 6.60
C MET B 33 4.89 -22.44 6.11
N CYS B 34 6.03 -21.75 6.16
CA CYS B 34 6.15 -20.43 5.55
C CYS B 34 7.51 -20.26 4.91
N ILE B 35 7.69 -19.07 4.33
CA ILE B 35 8.98 -18.54 3.93
C ILE B 35 9.07 -17.12 4.45
N SER B 36 10.30 -16.65 4.60
CA SER B 36 10.54 -15.23 4.84
C SER B 36 10.26 -14.44 3.57
N SER B 37 9.74 -13.20 3.73
CA SER B 37 9.60 -12.31 2.58
C SER B 37 10.93 -12.02 1.91
N ILE B 38 12.05 -12.21 2.61
CA ILE B 38 13.35 -12.19 1.94
C ILE B 38 13.41 -13.23 0.84
N THR B 39 12.95 -14.46 1.10
CA THR B 39 12.99 -15.46 0.05
C THR B 39 12.20 -14.99 -1.16
N LEU B 40 10.92 -14.70 -0.96
CA LEU B 40 10.00 -14.26 -2.01
C LEU B 40 10.66 -13.32 -3.02
N MET B 41 11.39 -12.30 -2.56
CA MET B 41 12.09 -11.43 -3.51
C MET B 41 13.00 -12.23 -4.43
N GLU B 42 13.69 -13.26 -3.89
CA GLU B 42 14.62 -14.03 -4.69
C GLU B 42 13.88 -14.80 -5.77
N LEU B 43 12.93 -15.63 -5.34
CA LEU B 43 11.95 -16.22 -6.25
C LEU B 43 11.53 -15.21 -7.33
N ILE B 44 11.24 -13.97 -6.94
CA ILE B 44 10.70 -13.01 -7.89
C ILE B 44 11.77 -12.56 -8.88
N TYR B 45 12.91 -12.08 -8.36
CA TYR B 45 14.13 -11.89 -9.16
C TYR B 45 14.37 -13.02 -10.15
N GLY B 46 14.44 -14.25 -9.65
CA GLY B 46 14.77 -15.38 -10.51
C GLY B 46 13.81 -15.59 -11.65
N ALA B 47 12.52 -15.31 -11.45
CA ALA B 47 11.56 -15.45 -12.53
C ALA B 47 11.70 -14.31 -13.55
N GLU B 48 11.67 -13.05 -13.07
CA GLU B 48 11.87 -11.92 -13.98
C GLU B 48 13.13 -12.09 -14.84
N LYS B 49 14.25 -12.48 -14.22
CA LYS B 49 15.47 -12.57 -14.99
C LYS B 49 15.51 -13.78 -15.90
N SER B 50 14.56 -14.70 -15.76
CA SER B 50 14.51 -15.94 -16.51
C SER B 50 14.02 -15.71 -17.95
N LEU B 51 14.18 -16.75 -18.78
CA LEU B 51 13.81 -16.76 -20.18
C LEU B 51 12.32 -17.01 -20.38
N ALA B 52 11.52 -16.84 -19.31
CA ALA B 52 10.08 -17.04 -19.34
C ALA B 52 9.43 -16.32 -18.13
N PRO B 53 9.51 -15.00 -18.04
CA PRO B 53 9.12 -14.32 -16.79
C PRO B 53 7.66 -14.53 -16.42
N GLU B 54 6.77 -14.63 -17.42
CA GLU B 54 5.36 -14.83 -17.20
C GLU B 54 5.06 -16.26 -16.74
N ARG B 55 5.73 -17.24 -17.35
CA ARG B 55 5.50 -18.64 -17.01
C ARG B 55 5.94 -18.92 -15.58
N ASN B 56 7.04 -18.28 -15.17
CA ASN B 56 7.71 -18.58 -13.91
C ASN B 56 7.16 -17.75 -12.78
N LEU B 57 6.55 -16.59 -13.10
CA LEU B 57 5.84 -15.82 -12.08
C LEU B 57 4.53 -16.47 -11.71
N ALA B 58 3.96 -17.28 -12.59
CA ALA B 58 2.72 -17.95 -12.24
C ALA B 58 3.02 -19.12 -11.31
N VAL B 59 4.06 -19.90 -11.65
CA VAL B 59 4.45 -21.09 -10.88
C VAL B 59 4.83 -20.68 -9.45
N VAL B 60 5.71 -19.68 -9.33
CA VAL B 60 5.93 -19.01 -8.06
C VAL B 60 4.59 -18.69 -7.41
N GLU B 61 3.68 -18.08 -8.17
CA GLU B 61 2.54 -17.42 -7.53
C GLU B 61 1.53 -18.43 -7.01
N GLY B 62 1.48 -19.63 -7.59
CA GLY B 62 0.79 -20.74 -6.98
C GLY B 62 1.59 -21.41 -5.89
N PHE B 63 2.91 -21.29 -5.95
CA PHE B 63 3.74 -21.83 -4.88
C PHE B 63 3.62 -20.95 -3.65
N ILE B 64 3.72 -19.63 -3.86
CA ILE B 64 3.48 -18.65 -2.80
C ILE B 64 2.15 -18.92 -2.12
N SER B 65 1.11 -19.15 -2.93
CA SER B 65 -0.28 -18.97 -2.52
C SER B 65 -0.69 -19.94 -1.43
N ARG B 66 -0.11 -21.12 -1.44
CA ARG B 66 -0.45 -22.23 -0.58
C ARG B 66 0.32 -22.20 0.73
N LEU B 67 1.05 -21.13 1.01
CA LEU B 67 1.64 -20.94 2.32
C LEU B 67 1.61 -19.47 2.68
N GLU B 68 2.29 -19.18 3.80
CA GLU B 68 2.30 -17.88 4.44
C GLU B 68 3.66 -17.25 4.18
N VAL B 69 3.68 -15.98 3.86
CA VAL B 69 4.91 -15.25 3.62
C VAL B 69 5.04 -14.24 4.74
N LEU B 70 6.04 -14.45 5.59
CA LEU B 70 6.23 -13.65 6.79
C LEU B 70 7.06 -12.40 6.47
N ASP B 71 6.62 -11.26 6.99
CA ASP B 71 7.32 -10.00 6.82
C ASP B 71 8.56 -9.96 7.69
N TYR B 72 9.69 -9.64 7.07
CA TYR B 72 10.93 -9.39 7.80
C TYR B 72 10.72 -8.14 8.63
N ASP B 73 10.29 -8.32 9.89
CA ASP B 73 9.87 -7.26 10.81
C ASP B 73 11.04 -6.80 11.67
N THR B 74 10.76 -6.07 12.75
CA THR B 74 11.84 -5.58 13.60
C THR B 74 12.52 -6.72 14.35
N GLN B 75 11.76 -7.46 15.17
CA GLN B 75 12.27 -8.65 15.86
C GLN B 75 13.16 -9.51 14.98
N ALA B 76 12.85 -9.56 13.69
CA ALA B 76 13.73 -10.23 12.75
C ALA B 76 15.03 -9.44 12.50
N ALA B 77 14.96 -8.10 12.53
CA ALA B 77 16.17 -7.33 12.21
C ALA B 77 17.09 -7.18 13.42
N ILE B 78 16.52 -7.19 14.63
CA ILE B 78 17.32 -7.26 15.84
C ILE B 78 18.04 -8.61 15.92
N HIS B 79 17.31 -9.70 15.65
CA HIS B 79 17.90 -11.03 15.80
C HIS B 79 18.93 -11.37 14.73
N THR B 80 18.88 -10.72 13.57
CA THR B 80 19.90 -11.02 12.59
C THR B 80 21.10 -10.09 12.72
N GLY B 81 20.87 -8.84 13.16
CA GLY B 81 21.97 -7.96 13.54
C GLY B 81 22.75 -8.43 14.76
N GLN B 82 22.20 -9.38 15.54
CA GLN B 82 22.97 -10.02 16.61
C GLN B 82 23.64 -11.31 16.14
N ILE B 83 22.93 -12.12 15.35
CA ILE B 83 23.48 -13.33 14.75
C ILE B 83 24.57 -13.00 13.72
N ARG B 84 24.54 -11.79 13.16
CA ARG B 84 25.50 -11.40 12.12
C ARG B 84 26.80 -10.92 12.73
N ALA B 85 26.72 -10.25 13.88
CA ALA B 85 27.91 -9.68 14.49
C ALA B 85 28.76 -10.76 15.17
N GLU B 86 28.16 -11.52 16.09
CA GLU B 86 28.88 -12.62 16.72
C GLU B 86 29.37 -13.65 15.68
N LEU B 87 28.81 -13.63 14.48
CA LEU B 87 29.35 -14.40 13.36
C LEU B 87 30.71 -13.85 12.91
N ALA B 88 30.87 -12.53 12.95
CA ALA B 88 32.16 -11.93 12.65
C ALA B 88 33.13 -12.08 13.80
N ARG B 89 32.61 -12.10 15.04
CA ARG B 89 33.43 -12.32 16.23
C ARG B 89 33.97 -13.73 16.24
N LYS B 90 33.58 -14.54 15.26
CA LYS B 90 34.13 -15.89 15.13
C LYS B 90 34.64 -16.20 13.72
N GLY B 91 34.51 -15.25 12.79
CA GLY B 91 35.09 -15.37 11.46
C GLY B 91 34.50 -16.42 10.52
N THR B 92 33.19 -16.83 10.71
CA THR B 92 32.62 -17.77 9.73
C THR B 92 31.68 -17.04 8.77
N PRO B 93 31.82 -17.29 7.44
CA PRO B 93 31.06 -16.50 6.45
C PRO B 93 29.77 -17.14 5.93
N VAL B 94 28.66 -16.41 5.96
CA VAL B 94 27.40 -16.88 5.40
C VAL B 94 26.74 -15.72 4.64
N GLY B 95 25.99 -16.05 3.59
CA GLY B 95 25.47 -15.07 2.67
C GLY B 95 24.49 -14.06 3.25
N PRO B 96 24.53 -12.82 2.75
CA PRO B 96 23.64 -11.79 3.30
C PRO B 96 22.18 -12.16 3.23
N TYR B 97 21.81 -13.00 2.27
CA TYR B 97 20.44 -13.48 2.21
C TYR B 97 20.23 -14.62 3.19
N ASP B 98 21.24 -15.48 3.35
CA ASP B 98 21.14 -16.64 4.21
C ASP B 98 21.14 -16.25 5.69
N GLN B 99 21.86 -15.19 6.06
CA GLN B 99 21.77 -14.70 7.43
C GLN B 99 20.32 -14.29 7.74
N MET B 100 19.69 -13.55 6.82
CA MET B 100 18.36 -12.99 7.11
C MET B 100 17.31 -14.07 7.30
N ILE B 101 17.36 -15.13 6.49
CA ILE B 101 16.38 -16.22 6.66
C ILE B 101 16.61 -16.96 7.97
N ALA B 102 17.87 -17.37 8.23
CA ALA B 102 18.24 -17.96 9.51
C ALA B 102 17.82 -17.08 10.69
N GLY B 103 18.05 -15.77 10.58
CA GLY B 103 17.70 -14.89 11.67
C GLY B 103 16.20 -14.73 11.85
N HIS B 104 15.45 -14.69 10.74
CA HIS B 104 14.01 -14.42 10.80
C HIS B 104 13.26 -15.61 11.42
N ALA B 105 13.61 -16.84 10.97
CA ALA B 105 13.16 -18.04 11.66
C ALA B 105 13.59 -18.01 13.12
N GLY B 106 14.85 -17.62 13.35
CA GLY B 106 15.34 -17.53 14.72
C GLY B 106 14.52 -16.58 15.57
N SER B 107 14.01 -15.50 14.98
CA SER B 107 13.32 -14.47 15.75
C SER B 107 11.92 -14.89 16.17
N ARG B 108 11.43 -16.02 15.68
CA ARG B 108 10.07 -16.40 15.91
C ARG B 108 9.93 -17.85 16.39
N GLY B 109 11.04 -18.59 16.47
CA GLY B 109 11.04 -19.93 16.99
C GLY B 109 10.90 -21.02 15.96
N LEU B 110 11.00 -20.69 14.67
CA LEU B 110 10.83 -21.65 13.59
C LEU B 110 12.15 -22.29 13.23
N VAL B 111 12.07 -23.56 12.77
CA VAL B 111 13.21 -24.30 12.26
C VAL B 111 13.36 -24.03 10.77
N VAL B 112 14.57 -23.69 10.35
CA VAL B 112 14.89 -23.57 8.94
C VAL B 112 14.94 -24.95 8.27
N VAL B 113 14.20 -25.10 7.17
CA VAL B 113 14.21 -26.30 6.33
C VAL B 113 15.07 -25.99 5.10
N THR B 114 16.29 -26.53 5.07
CA THR B 114 17.25 -26.25 4.01
C THR B 114 17.84 -27.54 3.45
N ASN B 115 18.52 -27.40 2.31
CA ASN B 115 19.39 -28.43 1.79
C ASN B 115 20.85 -27.98 1.73
N ASN B 116 21.14 -26.75 2.15
CA ASN B 116 22.51 -26.33 2.45
C ASN B 116 22.74 -26.37 3.96
N LEU B 117 22.68 -27.58 4.49
CA LEU B 117 22.87 -27.76 5.93
C LEU B 117 24.26 -27.29 6.35
N ARG B 118 25.29 -27.71 5.62
CA ARG B 118 26.65 -27.44 6.05
C ARG B 118 26.88 -25.97 6.29
N GLU B 119 26.21 -25.12 5.51
CA GLU B 119 26.37 -23.68 5.60
C GLU B 119 25.45 -23.03 6.62
N PHE B 120 24.51 -23.79 7.18
CA PHE B 120 23.62 -23.28 8.21
C PHE B 120 24.02 -23.72 9.62
N GLU B 121 24.98 -24.64 9.77
CA GLU B 121 25.35 -25.15 11.09
C GLU B 121 26.00 -24.06 11.94
N ARG B 122 26.97 -23.35 11.35
CA ARG B 122 27.83 -22.39 11.98
C ARG B 122 27.09 -21.12 12.44
N ILE B 123 25.77 -21.19 12.37
CA ILE B 123 24.87 -20.09 12.68
C ILE B 123 24.35 -20.30 14.10
N PRO B 124 24.59 -19.38 15.03
CA PRO B 124 24.33 -19.65 16.45
C PRO B 124 22.86 -19.83 16.78
N GLY B 125 22.53 -20.92 17.48
CA GLY B 125 21.20 -21.16 18.03
C GLY B 125 20.18 -21.63 17.03
N ILE B 126 20.62 -22.05 15.90
CA ILE B 126 19.70 -22.33 14.83
C ILE B 126 19.14 -23.74 15.01
N ARG B 127 17.98 -23.95 14.43
CA ARG B 127 17.46 -25.30 14.24
C ARG B 127 17.41 -25.59 12.74
N ILE B 128 17.68 -26.85 12.36
CA ILE B 128 17.79 -27.17 10.95
C ILE B 128 17.24 -28.55 10.62
N GLU B 129 16.66 -28.64 9.43
CA GLU B 129 16.06 -29.83 8.85
C GLU B 129 16.26 -29.77 7.34
N ASP B 130 16.35 -30.96 6.73
CA ASP B 130 16.47 -31.13 5.30
C ASP B 130 15.30 -31.98 4.81
N TRP B 131 14.58 -31.48 3.81
CA TRP B 131 13.40 -32.15 3.25
C TRP B 131 13.63 -32.64 1.83
N CYS B 132 14.84 -32.53 1.32
CA CYS B 132 15.08 -33.03 -0.01
C CYS B 132 15.66 -34.45 0.01
N MET C 1 -0.29 -8.97 -6.50
CA MET C 1 -0.27 -9.73 -7.75
C MET C 1 0.01 -8.87 -9.00
N LEU C 2 -0.24 -7.57 -8.89
CA LEU C 2 -0.28 -6.67 -10.03
C LEU C 2 1.08 -6.08 -10.38
N LYS C 3 1.30 -5.84 -11.67
CA LYS C 3 2.49 -5.06 -12.02
C LYS C 3 2.20 -3.87 -12.92
N PHE C 4 1.35 -4.03 -13.94
CA PHE C 4 1.18 -3.03 -14.99
C PHE C 4 -0.11 -2.24 -14.81
N MET C 5 0.00 -0.93 -14.91
CA MET C 5 -1.16 -0.04 -14.91
C MET C 5 -1.30 0.61 -16.28
N LEU C 6 -2.39 0.30 -16.97
CA LEU C 6 -2.57 0.72 -18.37
C LEU C 6 -3.05 2.16 -18.46
N ASP C 7 -2.24 3.00 -19.07
CA ASP C 7 -2.57 4.40 -19.31
C ASP C 7 -3.79 4.51 -20.23
N THR C 8 -4.48 5.66 -20.16
CA THR C 8 -5.52 5.97 -21.15
C THR C 8 -5.06 5.77 -22.60
N ASN C 9 -4.08 6.58 -23.06
CA ASN C 9 -3.63 6.54 -24.47
C ASN C 9 -3.43 5.11 -24.95
N THR C 10 -2.75 4.29 -24.14
CA THR C 10 -2.61 2.87 -24.43
C THR C 10 -3.97 2.19 -24.59
N CYS C 11 -4.90 2.44 -23.66
CA CYS C 11 -6.22 1.80 -23.76
C CYS C 11 -6.95 2.26 -25.01
N ILE C 12 -7.01 3.57 -25.26
CA ILE C 12 -7.66 4.10 -26.46
C ILE C 12 -7.18 3.35 -27.70
N PHE C 13 -5.86 3.31 -27.89
CA PHE C 13 -5.24 2.63 -29.02
C PHE C 13 -5.69 1.17 -29.10
N THR C 14 -5.68 0.47 -27.97
CA THR C 14 -6.12 -0.92 -27.99
C THR C 14 -7.61 -1.03 -28.35
N ILE C 15 -8.40 0.00 -28.06
CA ILE C 15 -9.81 -0.06 -28.39
C ILE C 15 -10.00 0.16 -29.90
N LYS C 16 -9.37 1.21 -30.42
CA LYS C 16 -9.56 1.58 -31.81
C LYS C 16 -8.90 0.58 -32.77
N ASN C 17 -7.67 0.18 -32.46
CA ASN C 17 -6.89 -0.61 -33.40
C ASN C 17 -6.87 -2.10 -33.07
N LYS C 18 -7.28 -2.48 -31.86
CA LYS C 18 -7.38 -3.86 -31.39
C LYS C 18 -6.29 -4.76 -31.97
N PRO C 19 -5.01 -4.46 -31.74
CA PRO C 19 -3.92 -5.15 -32.45
C PRO C 19 -3.75 -6.60 -32.03
N GLU C 20 -2.70 -7.24 -32.52
CA GLU C 20 -2.47 -8.65 -32.29
C GLU C 20 -1.38 -8.91 -31.26
N HIS C 21 -0.26 -8.18 -31.37
CA HIS C 21 0.80 -8.31 -30.37
C HIS C 21 0.28 -7.94 -28.99
N ILE C 22 -0.54 -6.88 -28.92
CA ILE C 22 -1.17 -6.49 -27.66
C ILE C 22 -1.96 -7.66 -27.09
N ARG C 23 -2.76 -8.31 -27.93
CA ARG C 23 -3.48 -9.50 -27.51
C ARG C 23 -2.52 -10.53 -26.91
N GLU C 24 -1.33 -10.67 -27.50
CA GLU C 24 -0.35 -11.63 -26.98
C GLU C 24 0.13 -11.22 -25.59
N ARG C 25 0.68 -10.01 -25.49
CA ARG C 25 1.04 -9.43 -24.19
C ARG C 25 -0.11 -9.59 -23.19
N PHE C 26 -1.30 -9.13 -23.57
CA PHE C 26 -2.47 -9.24 -22.69
C PHE C 26 -2.59 -10.64 -22.13
N ASN C 27 -2.49 -11.65 -23.00
CA ASN C 27 -2.69 -13.04 -22.60
C ASN C 27 -1.55 -13.58 -21.74
N LEU C 28 -0.37 -12.98 -21.81
CA LEU C 28 0.70 -13.36 -20.88
C LEU C 28 0.41 -12.81 -19.49
N ASN C 29 0.05 -11.53 -19.42
CA ASN C 29 -0.03 -10.79 -18.16
C ASN C 29 -1.45 -10.62 -17.67
N THR C 30 -2.33 -11.59 -17.89
CA THR C 30 -3.65 -11.46 -17.30
C THR C 30 -3.50 -11.56 -15.78
N SER C 31 -4.21 -10.68 -15.07
CA SER C 31 -4.16 -10.55 -13.62
C SER C 31 -2.90 -9.81 -13.17
N ARG C 32 -2.00 -9.46 -14.09
CA ARG C 32 -0.91 -8.55 -13.75
C ARG C 32 -1.28 -7.10 -13.98
N MET C 33 -2.32 -6.84 -14.76
CA MET C 33 -2.57 -5.53 -15.32
C MET C 33 -3.78 -4.86 -14.69
N CYS C 34 -3.81 -3.55 -14.85
CA CYS C 34 -4.78 -2.72 -14.15
C CYS C 34 -4.87 -1.37 -14.85
N ILE C 35 -5.88 -0.62 -14.47
CA ILE C 35 -6.07 0.76 -14.87
C ILE C 35 -6.47 1.52 -13.63
N SER C 36 -6.18 2.81 -13.62
CA SER C 36 -6.73 3.72 -12.65
C SER C 36 -8.17 4.02 -13.01
N SER C 37 -8.99 4.22 -11.98
CA SER C 37 -10.33 4.75 -12.17
C SER C 37 -10.31 6.12 -12.83
N ILE C 38 -9.19 6.86 -12.78
CA ILE C 38 -9.03 8.08 -13.60
C ILE C 38 -9.26 7.75 -15.06
N THR C 39 -8.63 6.69 -15.52
CA THR C 39 -8.78 6.25 -16.90
C THR C 39 -10.22 5.83 -17.16
N LEU C 40 -10.79 5.02 -16.27
CA LEU C 40 -12.11 4.45 -16.53
C LEU C 40 -13.13 5.55 -16.74
N MET C 41 -12.99 6.64 -15.97
CA MET C 41 -13.71 7.89 -16.23
C MET C 41 -13.54 8.34 -17.67
N GLU C 42 -12.29 8.48 -18.13
CA GLU C 42 -12.01 9.03 -19.46
C GLU C 42 -12.57 8.17 -20.57
N LEU C 43 -12.60 6.86 -20.37
CA LEU C 43 -13.20 6.02 -21.40
C LEU C 43 -14.70 6.24 -21.46
N ILE C 44 -15.37 6.11 -20.30
CA ILE C 44 -16.82 6.29 -20.22
C ILE C 44 -17.24 7.58 -20.91
N TYR C 45 -16.49 8.66 -20.67
CA TYR C 45 -16.68 9.93 -21.34
C TYR C 45 -16.75 9.74 -22.85
N GLY C 46 -15.67 9.23 -23.45
CA GLY C 46 -15.59 9.12 -24.89
C GLY C 46 -16.73 8.31 -25.49
N ALA C 47 -16.94 7.10 -24.98
CA ALA C 47 -18.10 6.30 -25.39
C ALA C 47 -19.38 7.13 -25.40
N GLU C 48 -19.56 7.98 -24.39
CA GLU C 48 -20.81 8.69 -24.20
C GLU C 48 -20.94 9.88 -25.15
N LYS C 49 -19.84 10.54 -25.48
CA LYS C 49 -19.92 11.66 -26.41
C LYS C 49 -19.86 11.21 -27.86
N SER C 50 -19.72 9.90 -28.11
CA SER C 50 -19.57 9.38 -29.45
C SER C 50 -20.93 9.27 -30.15
N LEU C 51 -20.88 8.82 -31.40
CA LEU C 51 -22.08 8.34 -32.09
C LEU C 51 -22.25 6.87 -31.76
N ALA C 52 -23.51 6.48 -31.46
CA ALA C 52 -23.91 5.15 -31.02
C ALA C 52 -23.30 4.81 -29.65
N PRO C 53 -23.63 5.57 -28.59
CA PRO C 53 -22.99 5.32 -27.28
C PRO C 53 -23.31 3.96 -26.72
N GLU C 54 -24.48 3.41 -27.04
CA GLU C 54 -24.80 2.06 -26.61
C GLU C 54 -23.76 1.07 -27.13
N ARG C 55 -23.29 1.29 -28.36
CA ARG C 55 -22.27 0.41 -28.93
C ARG C 55 -21.01 0.38 -28.08
N ASN C 56 -20.52 1.56 -27.69
CA ASN C 56 -19.18 1.64 -27.14
C ASN C 56 -19.19 1.42 -25.63
N LEU C 57 -20.12 2.08 -24.93
CA LEU C 57 -20.38 1.74 -23.53
C LEU C 57 -20.38 0.23 -23.34
N ALA C 58 -20.94 -0.51 -24.29
CA ALA C 58 -20.88 -1.97 -24.26
C ALA C 58 -19.43 -2.45 -24.31
N VAL C 59 -18.69 -2.08 -25.37
CA VAL C 59 -17.36 -2.64 -25.62
C VAL C 59 -16.39 -2.36 -24.47
N VAL C 60 -16.54 -1.23 -23.79
CA VAL C 60 -15.61 -0.93 -22.70
C VAL C 60 -15.86 -1.85 -21.50
N GLU C 61 -17.14 -2.17 -21.24
CA GLU C 61 -17.46 -3.03 -20.10
C GLU C 61 -16.71 -4.34 -20.20
N GLY C 62 -16.67 -4.93 -21.39
CA GLY C 62 -15.83 -6.09 -21.62
C GLY C 62 -14.35 -5.79 -21.46
N PHE C 63 -13.91 -4.61 -21.89
CA PHE C 63 -12.51 -4.25 -21.67
C PHE C 63 -12.21 -4.22 -20.18
N ILE C 64 -12.85 -3.31 -19.44
CA ILE C 64 -12.49 -3.10 -18.04
C ILE C 64 -12.88 -4.29 -17.19
N SER C 65 -13.89 -5.07 -17.58
CA SER C 65 -14.24 -6.26 -16.80
C SER C 65 -13.07 -7.23 -16.78
N ARG C 66 -12.33 -7.30 -17.88
CA ARG C 66 -11.21 -8.21 -17.98
C ARG C 66 -9.92 -7.61 -17.41
N LEU C 67 -9.99 -6.44 -16.80
CA LEU C 67 -8.90 -5.82 -16.06
C LEU C 67 -9.23 -5.77 -14.56
N GLU C 68 -8.29 -5.18 -13.82
CA GLU C 68 -8.57 -4.62 -12.50
C GLU C 68 -8.58 -3.10 -12.63
N VAL C 69 -9.54 -2.45 -12.00
CA VAL C 69 -9.59 -0.99 -12.05
C VAL C 69 -9.41 -0.47 -10.64
N LEU C 70 -8.26 0.17 -10.42
CA LEU C 70 -7.79 0.58 -9.11
C LEU C 70 -8.28 1.97 -8.75
N ASP C 71 -8.84 2.08 -7.55
CA ASP C 71 -9.41 3.32 -7.01
C ASP C 71 -8.33 4.36 -6.70
N TYR C 72 -8.65 5.61 -6.94
CA TYR C 72 -7.71 6.70 -6.73
C TYR C 72 -7.83 7.25 -5.30
N ASP C 73 -7.12 6.61 -4.37
CA ASP C 73 -7.28 6.78 -2.93
C ASP C 73 -6.33 7.82 -2.33
N THR C 74 -6.16 7.74 -1.00
CA THR C 74 -5.40 8.74 -0.27
C THR C 74 -3.94 8.76 -0.72
N GLN C 75 -3.24 7.62 -0.59
CA GLN C 75 -1.83 7.56 -0.96
C GLN C 75 -1.61 7.95 -2.41
N ALA C 76 -2.52 7.53 -3.30
CA ALA C 76 -2.41 7.89 -4.71
C ALA C 76 -2.51 9.39 -4.88
N ALA C 77 -3.42 10.02 -4.15
CA ALA C 77 -3.48 11.47 -4.15
C ALA C 77 -2.16 12.05 -3.67
N ILE C 78 -1.74 11.65 -2.46
CA ILE C 78 -0.58 12.26 -1.83
C ILE C 78 0.62 12.19 -2.76
N HIS C 79 0.88 10.99 -3.25
CA HIS C 79 1.98 10.80 -4.17
C HIS C 79 1.82 11.61 -5.45
N THR C 80 0.59 11.85 -5.89
CA THR C 80 0.38 12.66 -7.08
C THR C 80 0.58 14.16 -6.79
N GLY C 81 0.07 14.65 -5.67
CA GLY C 81 0.30 16.05 -5.34
C GLY C 81 1.76 16.39 -5.12
N GLN C 82 2.57 15.39 -4.77
CA GLN C 82 4.01 15.62 -4.63
C GLN C 82 4.67 15.75 -5.99
N ILE C 83 4.41 14.77 -6.88
CA ILE C 83 4.94 14.80 -8.24
C ILE C 83 4.44 16.04 -8.98
N ARG C 84 3.24 16.51 -8.63
CA ARG C 84 2.70 17.74 -9.23
C ARG C 84 3.44 18.98 -8.77
N ALA C 85 4.07 18.95 -7.58
CA ALA C 85 4.86 20.11 -7.17
C ALA C 85 6.25 20.09 -7.77
N GLU C 86 6.81 18.91 -8.00
CA GLU C 86 8.17 18.83 -8.50
C GLU C 86 8.25 19.34 -9.94
N LEU C 87 7.23 19.04 -10.74
CA LEU C 87 7.23 19.53 -12.12
C LEU C 87 6.83 21.00 -12.17
N ALA C 88 6.20 21.51 -11.12
CA ALA C 88 6.05 22.96 -10.99
C ALA C 88 7.41 23.64 -10.88
N ARG C 89 8.29 23.08 -10.03
CA ARG C 89 9.65 23.62 -9.88
C ARG C 89 10.38 23.60 -11.22
N LYS C 90 10.37 22.45 -11.90
CA LYS C 90 11.03 22.30 -13.18
C LYS C 90 10.45 23.22 -14.26
N GLY C 91 9.28 23.81 -14.02
CA GLY C 91 8.58 24.58 -15.02
C GLY C 91 7.94 23.76 -16.12
N THR C 92 8.00 22.43 -16.05
CA THR C 92 7.46 21.52 -17.07
C THR C 92 6.35 20.67 -16.48
N PRO C 93 5.10 21.11 -16.53
CA PRO C 93 3.98 20.25 -16.09
C PRO C 93 3.68 19.18 -17.12
N VAL C 94 2.76 18.28 -16.74
CA VAL C 94 2.16 17.29 -17.63
C VAL C 94 0.65 17.49 -17.56
N GLY C 95 -0.10 16.84 -18.45
CA GLY C 95 -1.54 16.89 -18.46
C GLY C 95 -2.15 16.45 -17.13
N PRO C 96 -3.23 17.08 -16.67
CA PRO C 96 -3.68 16.83 -15.29
C PRO C 96 -4.15 15.39 -15.06
N TYR C 97 -4.67 14.75 -16.10
CA TYR C 97 -5.08 13.35 -15.98
C TYR C 97 -3.87 12.45 -16.00
N ASP C 98 -2.89 12.82 -16.82
CA ASP C 98 -1.61 12.13 -16.88
C ASP C 98 -0.85 12.26 -15.56
N GLN C 99 -1.02 13.39 -14.87
CA GLN C 99 -0.35 13.54 -13.57
C GLN C 99 -0.95 12.60 -12.54
N MET C 100 -2.22 12.23 -12.71
CA MET C 100 -2.88 11.40 -11.71
C MET C 100 -2.63 9.91 -11.97
N ILE C 101 -2.84 9.46 -13.19
CA ILE C 101 -2.46 8.11 -13.58
C ILE C 101 -0.98 7.85 -13.26
N ALA C 102 -0.13 8.89 -13.37
CA ALA C 102 1.25 8.70 -12.95
C ALA C 102 1.29 8.30 -11.48
N GLY C 103 1.01 9.28 -10.61
CA GLY C 103 1.25 9.10 -9.19
C GLY C 103 0.48 7.96 -8.59
N HIS C 104 -0.63 7.55 -9.23
CA HIS C 104 -1.35 6.37 -8.81
C HIS C 104 -0.45 5.13 -8.89
N ALA C 105 0.00 4.82 -10.09
CA ALA C 105 1.05 3.80 -10.27
C ALA C 105 2.18 4.06 -9.30
N GLY C 106 2.58 5.34 -9.15
CA GLY C 106 3.76 5.68 -8.38
C GLY C 106 3.62 5.46 -6.90
N SER C 107 2.39 5.49 -6.39
CA SER C 107 2.12 5.24 -4.97
C SER C 107 2.03 3.75 -4.66
N ARG C 108 2.19 2.90 -5.66
CA ARG C 108 2.25 1.47 -5.48
C ARG C 108 3.39 0.87 -6.29
N GLY C 109 4.25 1.71 -6.89
CA GLY C 109 5.42 1.23 -7.58
C GLY C 109 5.16 0.51 -8.89
N LEU C 110 3.96 0.62 -9.44
CA LEU C 110 3.66 -0.04 -10.69
C LEU C 110 4.37 0.68 -11.83
N VAL C 111 4.39 0.05 -13.00
CA VAL C 111 5.01 0.65 -14.17
C VAL C 111 3.92 1.16 -15.10
N VAL C 112 4.03 2.41 -15.52
CA VAL C 112 3.03 2.91 -16.46
C VAL C 112 3.31 2.35 -17.85
N VAL C 113 2.36 1.60 -18.39
CA VAL C 113 2.39 1.16 -19.78
C VAL C 113 1.63 2.20 -20.60
N THR C 114 2.37 3.15 -21.17
CA THR C 114 1.87 4.19 -22.06
C THR C 114 2.60 4.10 -23.40
N ASN C 115 2.23 4.99 -24.32
CA ASN C 115 2.94 5.06 -25.59
C ASN C 115 3.38 6.48 -25.95
N ASN C 116 3.12 7.46 -25.08
CA ASN C 116 3.70 8.80 -25.19
C ASN C 116 4.92 8.92 -24.27
N LEU C 117 5.93 8.11 -24.58
CA LEU C 117 7.15 8.04 -23.78
C LEU C 117 7.70 9.43 -23.44
N ARG C 118 7.81 10.30 -24.46
CA ARG C 118 8.50 11.57 -24.30
C ARG C 118 7.84 12.45 -23.24
N GLU C 119 6.52 12.37 -23.09
CA GLU C 119 5.84 13.22 -22.11
C GLU C 119 5.88 12.64 -20.69
N PHE C 120 5.94 11.32 -20.55
CA PHE C 120 5.88 10.65 -19.25
C PHE C 120 7.26 10.38 -18.62
N GLU C 121 8.34 10.57 -19.39
CA GLU C 121 9.69 10.33 -18.89
C GLU C 121 10.14 11.39 -17.88
N ARG C 122 9.53 12.57 -17.92
CA ARG C 122 9.83 13.70 -17.05
C ARG C 122 9.10 13.64 -15.72
N ILE C 123 8.24 12.65 -15.55
CA ILE C 123 7.60 12.42 -14.26
C ILE C 123 8.62 11.82 -13.31
N PRO C 124 8.76 12.32 -12.08
CA PRO C 124 9.80 11.82 -11.18
C PRO C 124 9.47 10.45 -10.60
N GLY C 125 10.47 9.58 -10.62
CA GLY C 125 10.32 8.27 -10.02
C GLY C 125 9.39 7.40 -10.82
N ILE C 126 9.45 7.52 -12.15
CA ILE C 126 8.55 6.76 -13.02
C ILE C 126 9.30 5.57 -13.63
N ARG C 127 8.59 4.46 -13.74
CA ARG C 127 8.98 3.37 -14.61
C ARG C 127 7.97 3.28 -15.75
N ILE C 128 8.48 3.06 -16.95
CA ILE C 128 7.69 3.06 -18.17
C ILE C 128 7.98 1.77 -18.91
N GLU C 129 6.95 1.23 -19.55
CA GLU C 129 7.07 0.19 -20.55
C GLU C 129 6.10 0.54 -21.66
N ASP C 130 6.44 0.15 -22.89
CA ASP C 130 5.65 0.55 -24.06
C ASP C 130 5.28 -0.67 -24.87
N TRP C 131 3.97 -0.85 -25.08
CA TRP C 131 3.43 -2.02 -25.74
C TRP C 131 2.81 -1.71 -27.09
N CYS C 132 2.64 -0.43 -27.42
CA CYS C 132 2.20 0.00 -28.74
C CYS C 132 3.42 0.38 -29.59
N MET D 1 0.28 8.93 5.75
CA MET D 1 1.12 10.11 5.90
C MET D 1 2.58 9.75 6.21
N LEU D 2 3.37 9.49 5.16
CA LEU D 2 4.77 9.14 5.33
C LEU D 2 5.52 9.58 4.08
N LYS D 3 6.69 10.17 4.26
CA LYS D 3 7.23 10.83 3.08
C LYS D 3 8.64 10.40 2.75
N PHE D 4 9.50 10.18 3.76
CA PHE D 4 10.92 9.95 3.56
C PHE D 4 11.36 8.60 4.10
N MET D 5 12.44 8.06 3.52
CA MET D 5 13.01 6.78 3.95
C MET D 5 14.52 6.88 3.98
N LEU D 6 15.08 7.00 5.18
CA LEU D 6 16.52 7.21 5.38
C LEU D 6 17.33 6.01 4.92
N ASP D 7 18.27 6.23 4.02
CA ASP D 7 19.21 5.16 3.69
C ASP D 7 20.10 4.89 4.89
N THR D 8 20.70 3.69 4.88
CA THR D 8 21.60 3.30 5.96
C THR D 8 22.75 4.30 6.09
N ASN D 9 23.36 4.68 4.96
CA ASN D 9 24.39 5.73 4.97
C ASN D 9 23.93 6.93 5.79
N THR D 10 22.74 7.46 5.50
CA THR D 10 22.25 8.63 6.22
C THR D 10 22.24 8.39 7.72
N CYS D 11 21.63 7.28 8.16
CA CYS D 11 21.53 7.00 9.60
C CYS D 11 22.91 6.91 10.25
N ILE D 12 23.86 6.22 9.61
CA ILE D 12 25.22 6.16 10.13
C ILE D 12 25.76 7.57 10.35
N PHE D 13 25.84 8.36 9.27
CA PHE D 13 26.30 9.74 9.33
C PHE D 13 25.65 10.50 10.49
N THR D 14 24.33 10.42 10.59
CA THR D 14 23.62 11.18 11.61
C THR D 14 23.92 10.66 13.02
N ILE D 15 24.03 9.34 13.17
CA ILE D 15 24.39 8.77 14.47
C ILE D 15 25.79 9.22 14.87
N LYS D 16 26.75 9.08 13.96
CA LYS D 16 28.13 9.42 14.28
C LYS D 16 28.30 10.92 14.55
N ASN D 17 27.90 11.77 13.59
CA ASN D 17 28.24 13.19 13.69
C ASN D 17 27.25 14.02 14.50
N LYS D 18 25.98 13.62 14.56
CA LYS D 18 24.90 14.45 15.10
C LYS D 18 24.96 15.88 14.56
N PRO D 19 24.97 16.06 13.24
CA PRO D 19 25.18 17.41 12.68
C PRO D 19 24.07 18.37 13.07
N GLU D 20 24.27 19.64 12.69
CA GLU D 20 23.25 20.66 12.90
C GLU D 20 22.42 20.90 11.64
N HIS D 21 23.02 20.73 10.47
CA HIS D 21 22.27 20.70 9.22
C HIS D 21 21.52 19.38 9.04
N ILE D 22 21.76 18.39 9.90
CA ILE D 22 20.91 17.21 9.98
C ILE D 22 19.69 17.48 10.86
N ARG D 23 19.93 17.98 12.08
CA ARG D 23 18.84 18.31 12.99
C ARG D 23 17.79 19.19 12.31
N GLU D 24 18.19 19.92 11.26
CA GLU D 24 17.32 20.78 10.46
C GLU D 24 15.98 20.15 10.14
N ARG D 25 16.08 19.10 9.33
CA ARG D 25 14.90 18.48 8.75
C ARG D 25 14.17 17.66 9.79
N PHE D 26 14.92 16.84 10.53
CA PHE D 26 14.33 15.97 11.54
C PHE D 26 13.24 16.67 12.33
N ASN D 27 13.50 17.91 12.77
CA ASN D 27 12.48 18.65 13.50
C ASN D 27 11.34 19.07 12.59
N LEU D 28 11.66 19.56 11.39
CA LEU D 28 10.60 19.96 10.45
C LEU D 28 9.77 18.76 10.04
N ASN D 29 10.41 17.75 9.45
CA ASN D 29 9.76 16.57 8.90
C ASN D 29 9.58 15.47 9.93
N THR D 30 9.53 15.82 11.22
CA THR D 30 9.14 14.80 12.19
C THR D 30 7.71 14.35 11.87
N SER D 31 7.46 13.05 12.07
CA SER D 31 6.22 12.38 11.74
C SER D 31 6.03 12.24 10.22
N ARG D 32 7.14 12.26 9.46
CA ARG D 32 7.15 11.89 8.04
C ARG D 32 8.34 11.00 7.66
N MET D 33 9.18 10.61 8.61
CA MET D 33 10.42 9.91 8.32
C MET D 33 10.34 8.47 8.81
N CYS D 34 11.11 7.59 8.18
CA CYS D 34 11.17 6.21 8.63
C CYS D 34 12.32 5.51 7.93
N ILE D 35 12.59 4.27 8.36
CA ILE D 35 13.66 3.46 7.82
C ILE D 35 13.13 2.06 7.62
N SER D 36 13.63 1.39 6.58
CA SER D 36 13.30 -0.01 6.37
C SER D 36 13.91 -0.83 7.50
N SER D 37 13.17 -1.86 7.93
CA SER D 37 13.70 -2.81 8.89
C SER D 37 15.08 -3.30 8.49
N ILE D 38 15.35 -3.39 7.18
CA ILE D 38 16.70 -3.68 6.69
C ILE D 38 17.72 -2.71 7.29
N THR D 39 17.46 -1.40 7.19
CA THR D 39 18.40 -0.45 7.75
C THR D 39 18.60 -0.71 9.23
N LEU D 40 17.54 -1.11 9.94
CA LEU D 40 17.70 -1.47 11.34
C LEU D 40 18.62 -2.66 11.49
N MET D 41 18.52 -3.64 10.59
CA MET D 41 19.35 -4.84 10.72
C MET D 41 20.83 -4.51 10.57
N GLU D 42 21.14 -3.45 9.81
CA GLU D 42 22.50 -2.99 9.65
C GLU D 42 22.98 -2.26 10.90
N LEU D 43 22.14 -1.37 11.43
CA LEU D 43 22.53 -0.60 12.59
C LEU D 43 22.85 -1.51 13.76
N ILE D 44 21.96 -2.48 14.04
CA ILE D 44 22.14 -3.39 15.16
C ILE D 44 23.46 -4.13 15.02
N TYR D 45 23.76 -4.59 13.81
CA TYR D 45 25.02 -5.25 13.52
C TYR D 45 26.21 -4.40 13.88
N GLY D 46 26.15 -3.11 13.52
CA GLY D 46 27.28 -2.23 13.75
C GLY D 46 27.48 -1.89 15.21
N ALA D 47 26.40 -1.61 15.93
CA ALA D 47 26.50 -1.45 17.37
C ALA D 47 27.03 -2.72 18.02
N GLU D 48 26.56 -3.87 17.57
CA GLU D 48 26.88 -5.13 18.24
C GLU D 48 28.34 -5.53 18.08
N LYS D 49 28.97 -5.18 16.95
CA LYS D 49 30.37 -5.44 16.71
C LYS D 49 31.25 -4.30 17.18
N SER D 50 30.70 -3.35 17.92
CA SER D 50 31.46 -2.18 18.34
C SER D 50 32.00 -2.35 19.75
N LEU D 51 33.06 -1.59 20.03
CA LEU D 51 33.79 -1.72 21.29
C LEU D 51 32.98 -1.25 22.49
N ALA D 52 31.94 -0.43 22.29
CA ALA D 52 31.02 -0.02 23.36
C ALA D 52 29.63 -0.48 22.96
N PRO D 53 29.39 -1.80 22.95
CA PRO D 53 28.13 -2.31 22.41
C PRO D 53 26.91 -1.91 23.21
N GLU D 54 27.05 -1.50 24.47
CA GLU D 54 25.86 -1.10 25.20
C GLU D 54 25.60 0.40 25.12
N ARG D 55 26.65 1.21 24.99
CA ARG D 55 26.46 2.62 24.66
C ARG D 55 26.00 2.77 23.21
N ASN D 56 26.64 2.05 22.29
CA ASN D 56 26.28 2.14 20.88
C ASN D 56 24.92 1.52 20.59
N LEU D 57 24.59 0.43 21.27
CA LEU D 57 23.21 -0.07 21.21
C LEU D 57 22.25 0.95 21.79
N ALA D 58 22.61 1.56 22.91
CA ALA D 58 21.68 2.45 23.60
C ALA D 58 21.37 3.71 22.78
N VAL D 59 22.32 4.21 21.99
CA VAL D 59 22.01 5.38 21.18
C VAL D 59 21.07 5.00 20.05
N VAL D 60 21.33 3.88 19.37
CA VAL D 60 20.46 3.40 18.30
C VAL D 60 19.01 3.34 18.77
N GLU D 61 18.76 2.57 19.83
CA GLU D 61 17.39 2.33 20.26
C GLU D 61 16.65 3.64 20.54
N GLY D 62 17.38 4.69 20.92
CA GLY D 62 16.82 6.03 20.92
C GLY D 62 16.64 6.59 19.53
N PHE D 63 17.61 6.36 18.62
CA PHE D 63 17.48 6.84 17.25
C PHE D 63 16.20 6.31 16.61
N ILE D 64 16.10 4.98 16.45
CA ILE D 64 14.93 4.41 15.78
C ILE D 64 13.65 4.61 16.61
N SER D 65 13.75 4.84 17.91
CA SER D 65 12.52 5.05 18.69
C SER D 65 11.81 6.33 18.30
N ARG D 66 12.50 7.25 17.63
CA ARG D 66 11.87 8.51 17.25
C ARG D 66 11.43 8.51 15.79
N LEU D 67 11.80 7.47 15.05
CA LEU D 67 11.29 7.20 13.71
C LEU D 67 10.18 6.15 13.79
N GLU D 68 9.70 5.75 12.62
CA GLU D 68 8.94 4.52 12.46
C GLU D 68 9.77 3.55 11.64
N VAL D 69 9.75 2.28 12.00
CA VAL D 69 10.50 1.26 11.29
C VAL D 69 9.49 0.39 10.57
N LEU D 70 9.54 0.46 9.24
CA LEU D 70 8.64 -0.25 8.33
C LEU D 70 9.15 -1.66 8.06
N ASP D 71 8.26 -2.63 8.18
CA ASP D 71 8.63 -4.04 7.98
C ASP D 71 8.79 -4.36 6.51
N TYR D 72 9.90 -4.99 6.16
CA TYR D 72 10.05 -5.54 4.81
C TYR D 72 9.00 -6.62 4.64
N ASP D 73 7.98 -6.31 3.84
CA ASP D 73 6.74 -7.03 3.64
C ASP D 73 6.63 -7.45 2.18
N THR D 74 5.48 -8.03 1.83
CA THR D 74 5.41 -8.74 0.57
C THR D 74 5.45 -7.81 -0.63
N GLN D 75 4.87 -6.62 -0.55
CA GLN D 75 5.03 -5.73 -1.70
C GLN D 75 6.47 -5.25 -1.86
N ALA D 76 7.19 -5.04 -0.75
CA ALA D 76 8.55 -4.54 -0.84
C ALA D 76 9.46 -5.56 -1.49
N ALA D 77 9.12 -6.83 -1.36
CA ALA D 77 9.93 -7.92 -1.87
C ALA D 77 9.73 -8.08 -3.36
N ILE D 78 8.47 -8.11 -3.80
CA ILE D 78 8.16 -8.16 -5.23
C ILE D 78 8.85 -7.02 -5.97
N HIS D 79 8.75 -5.81 -5.42
CA HIS D 79 9.26 -4.63 -6.11
C HIS D 79 10.77 -4.68 -6.26
N THR D 80 11.48 -4.95 -5.16
CA THR D 80 12.91 -5.20 -5.20
C THR D 80 13.23 -6.29 -6.24
N GLY D 81 12.48 -7.39 -6.20
CA GLY D 81 12.73 -8.52 -7.09
C GLY D 81 12.42 -8.24 -8.55
N GLN D 82 11.67 -7.18 -8.84
CA GLN D 82 11.58 -6.73 -10.22
C GLN D 82 12.76 -5.83 -10.57
N ILE D 83 13.01 -4.79 -9.75
CA ILE D 83 14.03 -3.79 -10.10
C ILE D 83 15.43 -4.40 -10.04
N ARG D 84 15.62 -5.45 -9.25
CA ARG D 84 16.85 -6.22 -9.23
C ARG D 84 17.07 -6.91 -10.57
N ALA D 85 15.99 -7.30 -11.26
CA ALA D 85 16.17 -7.95 -12.56
C ALA D 85 16.45 -6.91 -13.62
N GLU D 86 15.94 -5.70 -13.45
CA GLU D 86 16.26 -4.62 -14.38
C GLU D 86 17.74 -4.28 -14.31
N LEU D 87 18.27 -4.12 -13.10
CA LEU D 87 19.68 -3.86 -12.91
C LEU D 87 20.56 -4.95 -13.51
N ALA D 88 20.05 -6.16 -13.63
CA ALA D 88 20.78 -7.24 -14.29
C ALA D 88 20.70 -7.11 -15.80
N ARG D 89 19.50 -6.80 -16.34
CA ARG D 89 19.34 -6.54 -17.76
C ARG D 89 20.30 -5.47 -18.27
N LYS D 90 20.72 -4.55 -17.39
CA LYS D 90 21.55 -3.40 -17.78
C LYS D 90 22.87 -3.34 -17.02
N GLY D 91 23.30 -4.44 -16.42
CA GLY D 91 24.62 -4.55 -15.83
C GLY D 91 24.89 -3.68 -14.61
N THR D 92 24.02 -2.76 -14.27
CA THR D 92 24.33 -1.93 -13.11
C THR D 92 24.18 -2.69 -11.81
N PRO D 93 25.28 -3.04 -11.12
CA PRO D 93 25.15 -3.67 -9.81
C PRO D 93 25.07 -2.63 -8.70
N VAL D 94 24.17 -2.91 -7.76
CA VAL D 94 24.02 -2.14 -6.54
C VAL D 94 24.07 -3.14 -5.39
N GLY D 95 24.66 -2.74 -4.27
CA GLY D 95 24.74 -3.58 -3.09
C GLY D 95 23.41 -4.15 -2.63
N PRO D 96 23.43 -5.38 -2.10
CA PRO D 96 22.17 -6.07 -1.83
C PRO D 96 21.29 -5.41 -0.77
N TYR D 97 21.86 -4.75 0.24
CA TYR D 97 21.03 -4.06 1.23
C TYR D 97 20.44 -2.76 0.70
N ASP D 98 21.19 -1.98 -0.09
CA ASP D 98 20.69 -0.68 -0.50
C ASP D 98 19.60 -0.82 -1.55
N GLN D 99 19.62 -1.90 -2.34
CA GLN D 99 18.53 -2.12 -3.27
C GLN D 99 17.29 -2.67 -2.57
N MET D 100 17.47 -3.45 -1.51
CA MET D 100 16.34 -3.82 -0.66
C MET D 100 15.70 -2.59 -0.04
N ILE D 101 16.54 -1.69 0.49
CA ILE D 101 16.13 -0.31 0.77
C ILE D 101 15.42 0.27 -0.46
N ALA D 102 16.10 0.28 -1.61
CA ALA D 102 15.47 0.81 -2.83
C ALA D 102 14.14 0.12 -3.11
N GLY D 103 14.14 -1.21 -3.18
CA GLY D 103 12.88 -1.89 -3.49
C GLY D 103 11.79 -1.74 -2.47
N HIS D 104 12.14 -1.47 -1.20
CA HIS D 104 11.13 -1.06 -0.20
C HIS D 104 10.64 0.36 -0.46
N ALA D 105 11.57 1.33 -0.49
CA ALA D 105 11.16 2.74 -0.63
C ALA D 105 10.33 2.96 -1.87
N GLY D 106 10.65 2.22 -2.93
CA GLY D 106 9.90 2.36 -4.17
C GLY D 106 8.46 1.90 -4.03
N SER D 107 8.27 0.69 -3.52
CA SER D 107 6.93 0.08 -3.44
C SER D 107 5.90 0.95 -2.71
N ARG D 108 6.31 1.91 -1.90
CA ARG D 108 5.33 2.71 -1.16
C ARG D 108 5.21 4.15 -1.61
N GLY D 109 6.04 4.60 -2.56
CA GLY D 109 6.02 5.97 -3.03
C GLY D 109 6.81 6.94 -2.17
N LEU D 110 7.80 6.45 -1.45
CA LEU D 110 8.60 7.28 -0.56
C LEU D 110 9.87 7.75 -1.26
N VAL D 111 10.42 8.85 -0.75
CA VAL D 111 11.70 9.37 -1.16
C VAL D 111 12.75 8.78 -0.23
N VAL D 112 13.61 7.93 -0.77
CA VAL D 112 14.82 7.53 -0.08
C VAL D 112 15.73 8.75 0.06
N VAL D 113 16.04 9.13 1.30
CA VAL D 113 16.98 10.22 1.57
C VAL D 113 18.29 9.61 2.01
N THR D 114 19.29 9.70 1.12
CA THR D 114 20.61 9.13 1.30
C THR D 114 21.65 10.25 1.23
N ASN D 115 22.92 9.88 1.28
CA ASN D 115 24.02 10.74 0.87
C ASN D 115 24.87 10.08 -0.21
N ASN D 116 24.59 8.82 -0.54
CA ASN D 116 25.24 8.13 -1.66
C ASN D 116 24.45 8.36 -2.95
N LEU D 117 24.37 9.62 -3.34
CA LEU D 117 23.64 10.04 -4.53
C LEU D 117 24.24 9.48 -5.81
N ARG D 118 25.44 8.91 -5.77
CA ARG D 118 26.18 8.54 -6.97
C ARG D 118 25.99 7.08 -7.40
N GLU D 119 25.31 6.25 -6.62
CA GLU D 119 24.81 4.99 -7.16
C GLU D 119 23.40 4.73 -6.69
N PHE D 120 22.79 5.71 -6.03
CA PHE D 120 21.34 5.78 -5.99
C PHE D 120 20.80 6.49 -7.22
N GLU D 121 21.71 6.97 -8.08
CA GLU D 121 21.40 7.42 -9.43
C GLU D 121 20.44 6.52 -10.18
N ARG D 122 20.85 5.27 -10.33
CA ARG D 122 20.43 4.44 -11.45
C ARG D 122 19.18 3.63 -11.19
N ILE D 123 18.88 3.29 -9.94
CA ILE D 123 17.85 2.27 -9.66
C ILE D 123 16.49 2.73 -10.20
N PRO D 124 15.93 1.98 -11.13
CA PRO D 124 14.81 2.47 -11.95
C PRO D 124 13.62 2.96 -11.15
N GLY D 125 13.20 4.19 -11.48
CA GLY D 125 12.01 4.76 -10.89
C GLY D 125 12.21 4.90 -9.40
N ILE D 126 13.25 5.63 -9.04
CA ILE D 126 13.55 5.96 -7.66
C ILE D 126 13.33 7.46 -7.47
N ARG D 127 13.21 7.86 -6.21
CA ARG D 127 13.10 9.27 -5.84
C ARG D 127 14.06 9.55 -4.69
N ILE D 128 15.31 9.86 -5.01
CA ILE D 128 16.27 10.27 -4.00
C ILE D 128 16.08 11.76 -3.67
N GLU D 129 16.71 12.20 -2.57
CA GLU D 129 16.83 13.55 -2.08
C GLU D 129 18.05 13.51 -1.18
N ASP D 130 18.75 14.64 -1.07
CA ASP D 130 20.08 14.67 -0.47
C ASP D 130 20.13 15.65 0.70
N TRP D 131 19.77 15.16 1.88
CA TRP D 131 20.00 15.97 3.07
C TRP D 131 21.48 16.02 3.40
N CYS D 132 22.30 15.23 2.69
CA CYS D 132 23.75 15.36 2.56
C CYS D 132 24.33 14.39 1.51
N MET E 1 2.54 16.39 30.97
CA MET E 1 2.39 15.54 32.14
C MET E 1 2.75 14.09 31.84
N HIS E 2 2.07 13.16 32.51
CA HIS E 2 2.46 11.75 32.35
C HIS E 2 1.39 10.82 32.93
N THR E 3 1.00 9.80 32.17
CA THR E 3 0.06 8.82 32.67
C THR E 3 0.28 7.50 31.92
N THR E 4 -0.59 6.53 32.24
CA THR E 4 -0.44 5.16 31.80
C THR E 4 -1.59 4.75 30.88
N LEU E 5 -1.32 3.76 30.04
CA LEU E 5 -2.35 3.01 29.32
C LEU E 5 -2.50 1.64 29.97
N PHE E 6 -3.65 1.02 29.74
CA PHE E 6 -3.96 -0.23 30.44
C PHE E 6 -5.16 -0.90 29.78
N PHE E 7 -5.38 -2.16 30.13
CA PHE E 7 -6.45 -2.94 29.52
C PHE E 7 -7.54 -3.24 30.52
N SER E 8 -8.78 -2.91 30.16
CA SER E 8 -9.96 -3.23 30.97
C SER E 8 -10.74 -4.34 30.27
N ASN E 9 -10.22 -5.55 30.44
CA ASN E 9 -10.72 -6.85 30.01
C ASN E 9 -10.58 -7.09 28.51
N ARG E 10 -10.75 -6.06 27.70
CA ARG E 10 -10.45 -6.15 26.27
C ARG E 10 -10.29 -4.80 25.60
N THR E 11 -10.39 -3.68 26.31
CA THR E 11 -10.25 -2.34 25.74
C THR E 11 -9.02 -1.68 26.31
N GLN E 12 -8.20 -1.12 25.43
CA GLN E 12 -7.00 -0.40 25.82
C GLN E 12 -7.34 1.05 26.13
N ALA E 13 -7.11 1.49 27.36
CA ALA E 13 -7.56 2.78 27.87
C ALA E 13 -6.39 3.51 28.50
N VAL E 14 -6.51 4.85 28.52
CA VAL E 14 -5.61 5.75 29.26
C VAL E 14 -6.32 6.21 30.51
N ARG E 15 -5.55 6.44 31.58
CA ARG E 15 -6.07 7.02 32.80
C ARG E 15 -5.92 8.54 32.76
N LEU E 16 -6.92 9.24 33.29
CA LEU E 16 -6.90 10.69 33.33
C LEU E 16 -6.49 11.17 34.71
N PRO E 17 -5.30 11.74 34.89
CA PRO E 17 -4.96 12.39 36.17
C PRO E 17 -6.06 13.34 36.63
N LYS E 18 -6.18 13.48 37.96
CA LYS E 18 -7.31 14.20 38.52
C LYS E 18 -7.27 15.69 38.14
N SER E 19 -6.06 16.25 38.06
CA SER E 19 -5.91 17.67 37.75
C SER E 19 -6.62 18.02 36.44
N ILE E 20 -6.33 17.27 35.38
CA ILE E 20 -6.80 17.61 34.04
C ILE E 20 -7.90 16.65 33.61
N SER E 21 -8.66 16.13 34.56
CA SER E 21 -9.77 15.25 34.24
C SER E 21 -10.88 16.05 33.56
N PHE E 22 -11.94 15.36 33.19
CA PHE E 22 -12.94 16.09 32.43
C PHE E 22 -14.08 16.57 33.31
N PRO E 23 -14.50 17.82 33.10
CA PRO E 23 -15.53 18.43 33.95
C PRO E 23 -16.83 17.66 33.91
N GLU E 24 -17.76 18.11 34.77
CA GLU E 24 -19.03 17.42 34.97
C GLU E 24 -20.02 17.66 33.84
N ASP E 25 -19.83 18.72 33.06
CA ASP E 25 -20.62 18.90 31.86
C ASP E 25 -20.06 18.11 30.67
N VAL E 26 -19.12 17.21 30.92
CA VAL E 26 -18.50 16.37 29.92
C VAL E 26 -18.58 14.93 30.43
N LYS E 27 -19.35 14.07 29.74
CA LYS E 27 -19.67 12.75 30.26
C LYS E 27 -19.43 11.59 29.29
N HIS E 28 -19.35 11.84 27.97
CA HIS E 28 -18.63 10.99 27.03
C HIS E 28 -18.31 11.85 25.82
N VAL E 29 -17.37 11.36 25.00
CA VAL E 29 -16.45 12.22 24.25
C VAL E 29 -16.20 11.68 22.85
N GLU E 30 -15.47 12.47 22.06
CA GLU E 30 -14.93 12.09 20.76
C GLU E 30 -13.41 11.91 20.86
N ILE E 31 -12.83 11.28 19.83
CA ILE E 31 -11.40 10.98 19.81
C ILE E 31 -10.92 10.85 18.36
N ILE E 32 -9.75 11.41 18.08
CA ILE E 32 -9.23 11.54 16.71
C ILE E 32 -7.72 11.40 16.73
N ALA E 33 -7.19 10.65 15.77
CA ALA E 33 -5.75 10.53 15.58
C ALA E 33 -5.26 11.62 14.64
N VAL E 34 -4.20 12.32 15.04
CA VAL E 34 -3.36 13.12 14.14
C VAL E 34 -1.93 12.69 14.40
N GLY E 35 -1.36 11.91 13.48
CA GLY E 35 -0.03 11.34 13.64
C GLY E 35 0.01 10.37 14.81
N ARG E 36 1.20 10.25 15.42
CA ARG E 36 1.37 9.37 16.59
C ARG E 36 0.65 9.91 17.82
N SER E 37 -0.15 10.94 17.63
CA SER E 37 -0.96 11.50 18.71
C SER E 37 -2.41 11.06 18.57
N ARG E 38 -3.13 11.24 19.66
CA ARG E 38 -4.58 11.18 19.67
C ARG E 38 -5.09 12.41 20.38
N ILE E 39 -6.13 13.03 19.85
CA ILE E 39 -6.80 14.17 20.48
C ILE E 39 -8.13 13.70 21.01
N ILE E 40 -8.48 14.12 22.23
CA ILE E 40 -9.75 13.79 22.86
C ILE E 40 -10.51 15.05 23.16
N THR E 41 -11.66 15.19 22.51
CA THR E 41 -12.58 16.32 22.52
C THR E 41 -13.93 15.90 23.07
N PRO E 42 -14.62 16.80 23.77
CA PRO E 42 -16.03 16.55 24.09
C PRO E 42 -16.90 16.79 22.85
N VAL E 43 -18.12 16.24 22.87
CA VAL E 43 -18.92 16.19 21.64
C VAL E 43 -19.28 17.58 21.17
N GLY E 44 -19.15 17.80 19.85
CA GLY E 44 -19.47 19.06 19.22
C GLY E 44 -18.29 19.97 18.98
N GLU E 45 -17.11 19.59 19.50
CA GLU E 45 -15.94 20.47 19.56
C GLU E 45 -14.66 19.91 18.92
N SER E 46 -14.75 18.96 17.99
CA SER E 46 -13.51 18.36 17.51
C SER E 46 -12.66 19.36 16.71
N TRP E 47 -13.29 20.33 16.06
CA TRP E 47 -12.55 21.28 15.24
C TRP E 47 -11.93 22.41 16.06
N ASP E 48 -12.32 22.54 17.33
CA ASP E 48 -11.88 23.67 18.15
C ASP E 48 -10.36 23.70 18.31
N SER E 49 -9.72 22.54 18.44
CA SER E 49 -8.26 22.50 18.50
C SER E 49 -7.64 22.91 17.16
N TRP E 50 -8.27 22.52 16.06
CA TRP E 50 -7.70 22.79 14.75
C TRP E 50 -7.85 24.26 14.38
N PHE E 51 -8.97 24.89 14.74
CA PHE E 51 -9.15 26.30 14.41
C PHE E 51 -8.23 27.18 15.25
N ASP E 52 -8.03 26.82 16.52
CA ASP E 52 -7.20 27.60 17.42
C ASP E 52 -5.70 27.40 17.19
N GLY E 53 -5.28 26.29 16.59
CA GLY E 53 -3.88 25.90 16.55
C GLY E 53 -3.09 26.51 15.42
N GLU E 54 -2.17 25.70 14.89
CA GLU E 54 -1.34 26.09 13.77
C GLU E 54 -2.18 26.69 12.64
N GLY E 55 -1.72 27.82 12.12
CA GLY E 55 -2.29 28.33 10.91
C GLY E 55 -1.56 27.81 9.70
N ALA E 56 -2.17 28.05 8.55
CA ALA E 56 -1.53 27.99 7.25
C ALA E 56 -0.48 29.08 7.11
N SER E 57 0.15 29.15 5.96
CA SER E 57 1.09 30.21 5.62
C SER E 57 0.33 31.33 4.91
N THR E 58 0.95 32.50 4.82
CA THR E 58 0.25 33.55 4.08
C THR E 58 0.18 33.21 2.61
N ASP E 59 1.30 32.82 1.99
CA ASP E 59 1.26 32.57 0.57
C ASP E 59 0.40 31.36 0.21
N PHE E 60 0.16 30.44 1.15
CA PHE E 60 -0.46 29.15 0.88
C PHE E 60 -1.66 29.24 -0.05
N MET E 61 -1.48 28.66 -1.25
CA MET E 61 -2.50 28.58 -2.29
C MET E 61 -3.23 29.89 -2.43
N SER E 62 -2.47 30.93 -2.81
CA SER E 62 -3.12 32.13 -3.32
C SER E 62 -3.87 31.67 -4.56
N THR E 63 -3.12 31.28 -5.57
CA THR E 63 -3.68 30.68 -6.75
C THR E 63 -4.03 29.22 -6.46
N ARG E 64 -4.55 28.54 -7.48
CA ARG E 64 -4.87 27.13 -7.34
C ARG E 64 -4.33 26.36 -8.53
N GLU E 65 -4.30 27.02 -9.69
CA GLU E 65 -3.85 26.45 -10.96
C GLU E 65 -4.55 25.12 -11.27
N GLN E 66 -5.81 25.24 -11.49
CA GLN E 66 -6.50 24.13 -12.10
C GLN E 66 -6.39 24.26 -13.61
N PRO E 67 -5.98 23.21 -14.30
CA PRO E 67 -5.80 23.32 -15.75
C PRO E 67 -7.10 23.65 -16.46
N ALA E 68 -7.39 24.95 -16.55
CA ALA E 68 -8.51 25.46 -17.32
C ALA E 68 -8.57 24.87 -18.74
N MET F 1 -18.01 -25.56 -16.72
CA MET F 1 -19.43 -25.50 -16.35
C MET F 1 -19.86 -24.10 -15.94
N HIS F 2 -20.94 -24.05 -15.16
CA HIS F 2 -21.48 -22.76 -14.72
C HIS F 2 -22.37 -22.91 -13.48
N THR F 3 -21.96 -22.33 -12.36
CA THR F 3 -22.76 -22.40 -11.15
C THR F 3 -23.05 -21.00 -10.64
N THR F 4 -23.73 -20.93 -9.51
CA THR F 4 -24.09 -19.68 -8.89
C THR F 4 -23.43 -19.54 -7.53
N LEU F 5 -23.32 -18.29 -7.07
CA LEU F 5 -23.02 -17.94 -5.70
C LEU F 5 -24.30 -17.48 -5.01
N PHE F 6 -24.27 -17.40 -3.69
CA PHE F 6 -25.46 -17.01 -2.96
C PHE F 6 -25.12 -16.78 -1.48
N PHE F 7 -25.94 -15.97 -0.83
CA PHE F 7 -25.77 -15.68 0.58
C PHE F 7 -26.76 -16.47 1.42
N SER F 8 -26.24 -17.06 2.49
CA SER F 8 -26.98 -17.64 3.60
C SER F 8 -27.16 -16.56 4.66
N ASN F 9 -27.33 -16.97 5.91
CA ASN F 9 -27.34 -16.02 7.03
C ASN F 9 -25.93 -15.45 7.19
N ARG F 10 -25.65 -14.46 6.34
CA ARG F 10 -24.41 -13.67 6.35
C ARG F 10 -23.18 -14.45 5.86
N THR F 11 -23.36 -15.52 5.07
CA THR F 11 -22.26 -16.33 4.61
C THR F 11 -22.36 -16.56 3.09
N GLN F 12 -21.28 -16.28 2.37
CA GLN F 12 -21.26 -16.41 0.92
C GLN F 12 -20.83 -17.81 0.53
N ALA F 13 -21.68 -18.50 -0.22
CA ALA F 13 -21.45 -19.87 -0.63
C ALA F 13 -21.54 -19.99 -2.15
N VAL F 14 -21.04 -21.11 -2.65
CA VAL F 14 -21.22 -21.54 -4.04
C VAL F 14 -22.12 -22.76 -4.03
N ARG F 15 -22.87 -22.92 -5.11
CA ARG F 15 -23.71 -24.10 -5.30
C ARG F 15 -22.99 -25.08 -6.24
N LEU F 16 -22.73 -26.29 -5.74
CA LEU F 16 -21.95 -27.27 -6.47
C LEU F 16 -22.85 -28.10 -7.37
N PRO F 17 -22.74 -27.98 -8.70
CA PRO F 17 -23.51 -28.86 -9.59
C PRO F 17 -23.30 -30.33 -9.26
N LYS F 18 -24.40 -31.09 -9.33
CA LYS F 18 -24.41 -32.49 -8.88
C LYS F 18 -23.38 -33.34 -9.62
N SER F 19 -23.05 -32.98 -10.86
CA SER F 19 -22.08 -33.77 -11.60
C SER F 19 -20.71 -33.75 -10.93
N ILE F 20 -20.21 -32.56 -10.62
CA ILE F 20 -18.86 -32.39 -10.10
C ILE F 20 -18.85 -32.33 -8.56
N SER F 21 -19.89 -32.84 -7.91
CA SER F 21 -19.94 -32.81 -6.46
C SER F 21 -18.78 -33.58 -5.86
N PHE F 22 -18.62 -33.45 -4.57
CA PHE F 22 -17.47 -34.11 -3.99
C PHE F 22 -17.80 -35.57 -3.68
N PRO F 23 -16.96 -36.52 -4.09
CA PRO F 23 -17.22 -37.94 -3.76
C PRO F 23 -17.41 -38.13 -2.26
N GLU F 24 -18.11 -39.22 -1.89
CA GLU F 24 -18.44 -39.48 -0.48
C GLU F 24 -19.32 -38.43 0.18
N ASP F 25 -20.60 -38.31 0.25
CA ASP F 25 -20.98 -37.29 1.30
C ASP F 25 -20.25 -35.95 1.81
N VAL F 26 -18.87 -35.69 1.85
CA VAL F 26 -17.74 -35.59 3.00
C VAL F 26 -17.19 -34.46 4.04
N LYS F 27 -15.92 -34.46 4.63
CA LYS F 27 -15.84 -33.82 5.93
C LYS F 27 -15.70 -32.30 5.90
N HIS F 28 -14.55 -31.85 5.42
CA HIS F 28 -14.23 -30.44 5.27
C HIS F 28 -13.25 -30.35 4.12
N VAL F 29 -13.14 -29.14 3.57
CA VAL F 29 -12.25 -28.89 2.46
C VAL F 29 -11.34 -27.73 2.82
N GLU F 30 -10.28 -27.60 2.06
CA GLU F 30 -9.43 -26.42 2.10
C GLU F 30 -9.74 -25.55 0.90
N ILE F 31 -9.29 -24.31 0.99
CA ILE F 31 -9.51 -23.34 -0.09
C ILE F 31 -8.37 -22.34 -0.07
N ILE F 32 -8.07 -21.80 -1.22
CA ILE F 32 -7.02 -20.80 -1.39
C ILE F 32 -7.47 -19.87 -2.52
N ALA F 33 -7.19 -18.59 -2.37
CA ALA F 33 -7.39 -17.63 -3.45
C ALA F 33 -6.11 -17.51 -4.27
N VAL F 34 -6.10 -18.08 -5.47
CA VAL F 34 -5.11 -17.74 -6.48
C VAL F 34 -5.78 -16.77 -7.44
N GLY F 35 -5.19 -15.60 -7.62
CA GLY F 35 -5.80 -14.61 -8.48
C GLY F 35 -7.21 -14.26 -8.03
N ARG F 36 -8.08 -14.05 -9.02
CA ARG F 36 -9.52 -13.94 -8.88
C ARG F 36 -10.17 -15.32 -8.89
N SER F 37 -9.36 -16.35 -8.67
CA SER F 37 -9.85 -17.70 -8.62
C SER F 37 -9.90 -18.18 -7.19
N ARG F 38 -10.70 -19.22 -6.98
CA ARG F 38 -10.68 -19.98 -5.73
C ARG F 38 -10.53 -21.45 -6.06
N ILE F 39 -9.54 -22.08 -5.47
CA ILE F 39 -9.38 -23.52 -5.56
C ILE F 39 -9.95 -24.13 -4.30
N ILE F 40 -10.69 -25.21 -4.46
CA ILE F 40 -11.21 -25.97 -3.35
C ILE F 40 -10.53 -27.32 -3.41
N THR F 41 -10.42 -27.96 -2.25
CA THR F 41 -9.52 -29.10 -2.14
C THR F 41 -9.85 -29.90 -0.89
N PRO F 42 -9.82 -31.23 -0.95
CA PRO F 42 -10.00 -32.01 0.27
C PRO F 42 -8.75 -31.97 1.15
N VAL F 43 -8.98 -31.99 2.46
CA VAL F 43 -7.94 -31.82 3.46
C VAL F 43 -6.80 -32.82 3.26
N GLY F 44 -5.57 -32.31 3.35
CA GLY F 44 -4.41 -33.14 3.11
C GLY F 44 -3.98 -33.21 1.66
N GLU F 45 -4.71 -32.58 0.75
CA GLU F 45 -4.29 -32.55 -0.66
C GLU F 45 -4.24 -31.13 -1.20
N SER F 46 -3.89 -30.15 -0.36
CA SER F 46 -3.94 -28.77 -0.83
C SER F 46 -2.90 -28.47 -1.88
N TRP F 47 -1.76 -29.14 -1.84
CA TRP F 47 -0.63 -28.86 -2.70
C TRP F 47 -0.67 -29.63 -4.01
N ASP F 48 -1.57 -30.60 -4.13
CA ASP F 48 -1.60 -31.42 -5.34
C ASP F 48 -1.83 -30.57 -6.58
N SER F 49 -2.83 -29.68 -6.53
CA SER F 49 -3.19 -28.90 -7.71
C SER F 49 -2.04 -28.05 -8.24
N TRP F 50 -0.99 -27.82 -7.44
CA TRP F 50 0.19 -27.09 -7.84
C TRP F 50 1.29 -27.99 -8.40
N PHE F 51 1.48 -29.19 -7.81
CA PHE F 51 2.45 -30.14 -8.36
C PHE F 51 2.02 -30.64 -9.73
N ASP F 52 0.71 -30.78 -9.93
CA ASP F 52 0.21 -31.34 -11.18
C ASP F 52 -0.13 -30.25 -12.20
N GLY F 53 0.09 -28.99 -11.84
CA GLY F 53 0.01 -27.89 -12.79
C GLY F 53 1.33 -27.65 -13.49
N GLU F 54 1.35 -26.56 -14.27
CA GLU F 54 2.49 -26.23 -15.12
C GLU F 54 3.77 -26.06 -14.32
N GLY F 55 4.87 -26.53 -14.88
CA GLY F 55 6.17 -26.39 -14.27
C GLY F 55 6.95 -25.20 -14.79
N ALA F 56 7.95 -24.81 -14.00
CA ALA F 56 8.81 -23.69 -14.32
C ALA F 56 9.84 -24.06 -15.40
N SER F 57 10.35 -23.03 -16.07
CA SER F 57 11.23 -23.21 -17.21
C SER F 57 12.58 -23.75 -16.77
N THR F 58 13.20 -24.55 -17.65
CA THR F 58 14.48 -25.19 -17.30
C THR F 58 15.51 -24.14 -16.88
N ASP F 59 15.46 -22.98 -17.51
CA ASP F 59 16.37 -21.88 -17.21
C ASP F 59 16.08 -21.19 -15.88
N PHE F 60 15.00 -21.57 -15.16
CA PHE F 60 14.39 -20.75 -14.12
C PHE F 60 15.38 -20.16 -13.14
N MET F 61 16.04 -21.01 -12.36
CA MET F 61 17.06 -20.54 -11.39
C MET F 61 18.25 -21.49 -11.35
N SER F 62 18.85 -21.70 -12.54
CA SER F 62 20.20 -22.26 -12.63
C SER F 62 21.11 -21.61 -11.59
N THR F 63 21.27 -20.29 -11.68
CA THR F 63 22.02 -19.54 -10.69
C THR F 63 21.07 -18.91 -9.69
N ARG F 64 21.56 -18.72 -8.46
CA ARG F 64 20.84 -17.95 -7.46
C ARG F 64 21.84 -16.86 -7.07
N GLU F 65 21.73 -15.70 -7.70
CA GLU F 65 22.82 -14.75 -7.65
C GLU F 65 22.83 -14.05 -6.30
N GLN F 66 23.06 -14.80 -5.28
CA GLN F 66 23.35 -14.19 -4.01
C GLN F 66 24.83 -13.80 -3.97
N PRO F 67 25.16 -12.70 -3.33
CA PRO F 67 26.56 -12.35 -3.09
C PRO F 67 27.22 -13.36 -2.17
N ALA F 68 28.42 -13.06 -1.66
CA ALA F 68 29.12 -13.90 -0.67
C ALA F 68 28.19 -14.78 0.19
N MET G 1 -14.02 10.41 15.36
CA MET G 1 -14.55 9.19 15.98
C MET G 1 -15.23 9.46 17.35
N HIS G 2 -16.03 8.50 17.83
CA HIS G 2 -16.71 8.58 19.11
C HIS G 2 -16.13 7.57 20.07
N THR G 3 -15.96 7.98 21.32
CA THR G 3 -15.51 7.07 22.37
C THR G 3 -16.17 7.52 23.67
N THR G 4 -15.68 7.02 24.79
CA THR G 4 -16.44 7.04 26.02
C THR G 4 -15.58 7.56 27.16
N LEU G 5 -16.24 7.78 28.30
CA LEU G 5 -15.61 8.18 29.54
C LEU G 5 -16.01 7.20 30.64
N PHE G 6 -15.07 6.86 31.51
CA PHE G 6 -15.45 5.90 32.56
C PHE G 6 -14.50 5.96 33.75
N PHE G 7 -14.98 5.44 34.87
CA PHE G 7 -14.27 5.44 36.14
C PHE G 7 -13.57 4.11 36.36
N SER G 8 -12.23 4.14 36.48
CA SER G 8 -11.44 3.00 36.98
C SER G 8 -11.10 3.24 38.46
N ASN G 9 -12.09 2.87 39.28
CA ASN G 9 -12.13 2.86 40.76
C ASN G 9 -12.17 4.23 41.37
N ARG G 10 -11.50 5.22 40.78
CA ARG G 10 -11.67 6.62 41.13
C ARG G 10 -11.31 7.47 39.91
N THR G 11 -10.18 7.07 39.32
CA THR G 11 -9.60 7.74 38.18
C THR G 11 -10.58 7.71 37.03
N GLN G 12 -10.71 8.86 36.39
CA GLN G 12 -11.46 8.95 35.16
C GLN G 12 -10.58 8.47 34.03
N ALA G 13 -11.22 8.00 32.98
CA ALA G 13 -10.50 7.36 31.89
C ALA G 13 -11.28 7.58 30.60
N VAL G 14 -10.66 7.19 29.50
CA VAL G 14 -11.33 7.09 28.22
C VAL G 14 -10.87 5.79 27.59
N ARG G 15 -11.74 5.16 26.81
CA ARG G 15 -11.38 3.95 26.10
C ARG G 15 -10.99 4.33 24.68
N LEU G 16 -9.76 3.98 24.29
CA LEU G 16 -9.38 4.11 22.89
C LEU G 16 -10.09 3.03 22.06
N PRO G 17 -10.85 3.41 21.04
CA PRO G 17 -11.28 2.43 20.04
C PRO G 17 -10.10 1.69 19.45
N LYS G 18 -10.32 0.40 19.14
CA LYS G 18 -9.22 -0.49 18.74
C LYS G 18 -8.57 -0.03 17.44
N SER G 19 -9.33 0.56 16.51
CA SER G 19 -8.74 0.97 15.25
C SER G 19 -7.65 2.01 15.44
N ILE G 20 -7.76 2.86 16.46
CA ILE G 20 -6.75 3.89 16.73
C ILE G 20 -6.07 3.66 18.07
N SER G 21 -5.96 2.40 18.48
CA SER G 21 -5.24 2.04 19.68
C SER G 21 -3.73 2.19 19.46
N PHE G 22 -2.99 2.12 20.55
CA PHE G 22 -1.54 2.11 20.60
C PHE G 22 -1.03 0.69 20.74
N PRO G 23 0.20 0.43 20.32
CA PRO G 23 0.77 -0.92 20.51
C PRO G 23 0.66 -1.38 21.96
N GLU G 24 0.44 -2.69 22.13
CA GLU G 24 0.15 -3.25 23.44
C GLU G 24 1.30 -3.05 24.42
N ASP G 25 2.53 -3.08 23.91
CA ASP G 25 3.70 -2.78 24.72
C ASP G 25 3.58 -1.42 25.39
N VAL G 26 3.35 -0.37 24.59
CA VAL G 26 3.39 1.01 25.03
C VAL G 26 2.53 1.21 26.26
N LYS G 27 3.14 1.62 27.37
CA LYS G 27 2.46 1.78 28.65
C LYS G 27 2.38 3.22 29.11
N HIS G 28 3.35 4.05 28.73
CA HIS G 28 3.47 5.40 29.26
C HIS G 28 3.28 6.42 28.15
N VAL G 29 2.46 7.44 28.43
CA VAL G 29 2.12 8.47 27.48
C VAL G 29 2.23 9.83 28.15
N GLU G 30 2.21 10.88 27.33
CA GLU G 30 2.27 12.26 27.81
C GLU G 30 0.92 12.90 27.53
N ILE G 31 0.15 13.19 28.59
CA ILE G 31 -1.11 13.91 28.45
C ILE G 31 -0.87 15.39 28.70
N ILE G 32 -1.56 16.22 27.92
CA ILE G 32 -1.44 17.67 27.94
C ILE G 32 -2.80 18.24 27.56
N ALA G 33 -3.05 19.50 27.93
CA ALA G 33 -4.36 20.12 27.82
C ALA G 33 -4.32 21.31 26.87
N VAL G 34 -5.05 21.20 25.77
CA VAL G 34 -5.25 22.29 24.81
C VAL G 34 -6.71 22.69 24.91
N GLY G 35 -6.97 23.97 25.22
CA GLY G 35 -8.33 24.42 25.45
C GLY G 35 -9.09 23.47 26.36
N ARG G 36 -10.20 22.90 25.87
CA ARG G 36 -10.97 21.90 26.61
C ARG G 36 -10.65 20.47 26.19
N SER G 37 -9.63 20.26 25.38
CA SER G 37 -9.31 18.91 24.93
C SER G 37 -8.05 18.42 25.62
N ARG G 38 -7.67 17.20 25.31
CA ARG G 38 -6.42 16.65 25.78
C ARG G 38 -5.71 16.04 24.59
N ILE G 39 -4.39 16.00 24.66
CA ILE G 39 -3.58 15.30 23.67
C ILE G 39 -2.81 14.19 24.37
N ILE G 40 -2.61 13.09 23.65
CA ILE G 40 -1.90 11.94 24.16
C ILE G 40 -0.85 11.55 23.12
N THR G 41 0.40 11.35 23.56
CA THR G 41 1.50 10.91 22.71
C THR G 41 2.40 9.94 23.46
N PRO G 42 3.08 9.04 22.74
CA PRO G 42 4.11 8.21 23.37
C PRO G 42 5.31 9.05 23.81
N VAL G 43 6.19 8.41 24.61
CA VAL G 43 7.12 9.14 25.47
C VAL G 43 8.47 9.48 24.82
N GLY G 44 8.83 8.82 23.73
CA GLY G 44 10.07 9.18 23.07
C GLY G 44 9.90 10.33 22.10
N GLU G 45 9.33 11.44 22.58
CA GLU G 45 8.87 12.52 21.70
C GLU G 45 9.94 13.25 20.90
N SER G 46 10.80 14.01 21.58
CA SER G 46 11.56 15.07 20.93
C SER G 46 12.82 14.53 20.23
N TRP G 47 13.04 15.01 19.00
CA TRP G 47 14.35 14.86 18.40
C TRP G 47 15.39 15.76 19.05
N ASP G 48 14.96 16.74 19.86
CA ASP G 48 15.88 17.47 20.73
C ASP G 48 16.49 16.55 21.78
N SER G 49 15.66 15.72 22.41
CA SER G 49 16.13 14.83 23.47
C SER G 49 17.30 13.97 23.00
N TRP G 50 17.16 13.36 21.81
CA TRP G 50 18.14 12.39 21.36
C TRP G 50 19.46 13.05 20.96
N PHE G 51 19.39 14.28 20.42
CA PHE G 51 20.62 15.00 20.10
C PHE G 51 21.31 15.49 21.37
N ASP G 52 20.52 15.74 22.42
CA ASP G 52 21.01 16.21 23.72
C ASP G 52 20.96 15.11 24.78
N GLY G 53 20.94 13.84 24.37
CA GLY G 53 20.96 12.75 25.33
C GLY G 53 22.29 12.10 25.64
N GLU G 54 23.00 11.66 24.61
CA GLU G 54 24.20 10.82 24.75
C GLU G 54 25.10 11.04 23.55
N GLY G 55 26.01 10.10 23.32
CA GLY G 55 26.85 10.12 22.13
C GLY G 55 27.17 8.71 21.71
N ALA G 56 27.44 8.55 20.41
CA ALA G 56 27.90 7.27 19.91
C ALA G 56 29.32 6.99 20.43
N SER G 57 29.83 5.81 20.11
CA SER G 57 31.23 5.54 20.37
C SER G 57 32.05 6.01 19.17
N THR G 58 33.32 6.27 19.44
CA THR G 58 34.17 6.91 18.43
C THR G 58 34.27 6.05 17.18
N ASP G 59 34.30 4.73 17.37
CA ASP G 59 34.58 3.78 16.30
C ASP G 59 33.32 3.22 15.65
N PHE G 60 32.14 3.51 16.22
CA PHE G 60 30.89 2.89 15.79
C PHE G 60 30.68 3.03 14.29
N MET G 61 30.73 1.89 13.59
CA MET G 61 30.49 1.83 12.15
C MET G 61 31.35 2.85 11.39
N SER G 62 32.60 2.97 11.82
CA SER G 62 33.61 3.54 10.95
C SER G 62 33.78 2.73 9.66
N THR G 63 33.17 1.54 9.58
CA THR G 63 33.00 0.76 8.36
C THR G 63 31.59 0.20 8.31
N ARG G 64 31.10 -0.02 7.09
CA ARG G 64 29.82 -0.70 6.87
C ARG G 64 29.81 -1.25 5.45
N GLU G 65 29.68 -2.57 5.31
CA GLU G 65 29.46 -3.12 3.98
C GLU G 65 29.13 -4.59 4.07
N GLN G 66 28.59 -5.09 2.97
CA GLN G 66 28.59 -6.48 2.55
C GLN G 66 28.49 -6.36 1.03
N PRO G 67 28.46 -7.45 0.25
CA PRO G 67 29.05 -7.37 -1.10
C PRO G 67 28.33 -6.43 -2.07
N ALA G 68 28.73 -5.16 -1.97
CA ALA G 68 28.37 -4.13 -2.96
C ALA G 68 28.69 -4.55 -4.39
N MET H 1 -6.06 -22.35 3.80
CA MET H 1 -7.22 -21.97 4.63
C MET H 1 -8.18 -23.14 4.84
N HIS H 2 -9.18 -22.93 5.69
CA HIS H 2 -10.19 -23.93 6.00
C HIS H 2 -11.57 -23.38 5.67
N THR H 3 -12.46 -24.29 5.27
CA THR H 3 -13.87 -24.01 5.08
C THR H 3 -14.62 -25.33 5.13
N THR H 4 -15.88 -25.31 4.71
CA THR H 4 -16.77 -26.40 5.08
C THR H 4 -17.82 -26.62 3.99
N LEU H 5 -18.18 -27.89 3.81
CA LEU H 5 -19.22 -28.31 2.89
C LEU H 5 -20.57 -28.36 3.59
N PHE H 6 -21.64 -28.08 2.84
CA PHE H 6 -22.95 -28.14 3.43
C PHE H 6 -24.03 -28.26 2.36
N PHE H 7 -25.17 -28.82 2.75
CA PHE H 7 -26.29 -29.09 1.87
C PHE H 7 -27.32 -27.99 1.95
N SER H 8 -27.78 -27.51 0.80
CA SER H 8 -28.85 -26.53 0.67
C SER H 8 -29.93 -27.14 -0.22
N ASN H 9 -30.86 -27.88 0.40
CA ASN H 9 -31.89 -28.63 -0.31
C ASN H 9 -31.27 -29.69 -1.22
N ARG H 10 -30.52 -30.59 -0.60
CA ARG H 10 -29.95 -31.77 -1.24
C ARG H 10 -28.84 -31.37 -2.19
N THR H 11 -28.71 -30.07 -2.44
CA THR H 11 -27.62 -29.52 -3.23
C THR H 11 -26.45 -29.23 -2.32
N GLN H 12 -25.25 -29.58 -2.78
CA GLN H 12 -24.05 -29.43 -1.98
C GLN H 12 -23.43 -28.06 -2.25
N ALA H 13 -22.70 -27.56 -1.25
CA ALA H 13 -22.28 -26.16 -1.24
C ALA H 13 -21.00 -26.02 -0.42
N VAL H 14 -20.20 -25.00 -0.77
CA VAL H 14 -19.01 -24.65 0.00
C VAL H 14 -19.18 -23.23 0.52
N ARG H 15 -18.65 -23.00 1.72
CA ARG H 15 -18.69 -21.69 2.34
C ARG H 15 -17.37 -20.99 2.03
N LEU H 16 -17.44 -19.88 1.30
CA LEU H 16 -16.28 -19.01 1.13
C LEU H 16 -16.09 -18.18 2.40
N PRO H 17 -14.99 -18.33 3.13
CA PRO H 17 -14.70 -17.41 4.23
C PRO H 17 -14.65 -15.96 3.74
N LYS H 18 -14.95 -15.03 4.65
CA LYS H 18 -15.00 -13.61 4.27
C LYS H 18 -13.62 -13.09 3.85
N SER H 19 -12.53 -13.70 4.34
CA SER H 19 -11.19 -13.35 3.86
C SER H 19 -11.12 -13.36 2.33
N ILE H 20 -11.54 -14.45 1.71
CA ILE H 20 -11.41 -14.63 0.27
C ILE H 20 -12.77 -14.71 -0.41
N SER H 21 -13.78 -14.06 0.17
CA SER H 21 -15.11 -13.98 -0.43
C SER H 21 -15.12 -12.99 -1.58
N PHE H 22 -16.10 -13.15 -2.49
CA PHE H 22 -16.08 -12.45 -3.77
C PHE H 22 -16.74 -11.08 -3.63
N PRO H 23 -16.24 -10.07 -4.33
CA PRO H 23 -16.63 -8.69 -4.04
C PRO H 23 -18.12 -8.34 -4.14
N GLU H 24 -18.70 -8.43 -5.34
CA GLU H 24 -20.11 -8.05 -5.50
C GLU H 24 -20.97 -9.30 -5.30
N ASP H 25 -22.29 -9.14 -5.44
CA ASP H 25 -23.11 -10.32 -5.67
C ASP H 25 -22.98 -10.70 -7.14
N VAL H 26 -21.74 -10.81 -7.61
CA VAL H 26 -21.47 -11.41 -8.92
C VAL H 26 -21.98 -12.83 -8.78
N LYS H 27 -23.09 -13.12 -9.43
CA LYS H 27 -23.91 -14.28 -9.12
C LYS H 27 -23.45 -15.52 -9.89
N HIS H 28 -22.67 -15.33 -10.95
CA HIS H 28 -22.33 -16.39 -11.88
C HIS H 28 -20.82 -16.57 -11.91
N VAL H 29 -20.40 -17.83 -11.75
CA VAL H 29 -18.99 -18.21 -11.77
C VAL H 29 -18.84 -19.48 -12.59
N GLU H 30 -17.61 -19.75 -13.01
CA GLU H 30 -17.32 -20.92 -13.84
C GLU H 30 -16.51 -21.91 -13.01
N ILE H 31 -17.08 -23.09 -12.80
CA ILE H 31 -16.44 -24.12 -12.01
C ILE H 31 -15.78 -25.11 -12.95
N ILE H 32 -14.81 -25.85 -12.42
CA ILE H 32 -14.11 -26.89 -13.16
C ILE H 32 -13.55 -27.89 -12.15
N ALA H 33 -13.22 -29.09 -12.64
CA ALA H 33 -12.46 -30.03 -11.86
C ALA H 33 -11.00 -30.03 -12.33
N VAL H 34 -10.07 -29.84 -11.39
CA VAL H 34 -8.66 -30.15 -11.58
C VAL H 34 -8.36 -31.31 -10.63
N GLY H 35 -8.09 -32.49 -11.16
CA GLY H 35 -7.79 -33.63 -10.31
C GLY H 35 -8.98 -33.99 -9.43
N ARG H 36 -8.77 -33.98 -8.11
CA ARG H 36 -9.88 -33.97 -7.16
C ARG H 36 -10.14 -32.57 -6.61
N SER H 37 -9.70 -31.52 -7.31
CA SER H 37 -9.88 -30.15 -6.86
C SER H 37 -10.89 -29.41 -7.74
N ARG H 38 -11.29 -28.21 -7.32
CA ARG H 38 -12.28 -27.44 -8.06
C ARG H 38 -11.85 -25.98 -8.10
N ILE H 39 -11.86 -25.39 -9.29
CA ILE H 39 -11.38 -24.03 -9.51
C ILE H 39 -12.54 -23.17 -9.98
N ILE H 40 -12.80 -22.09 -9.24
CA ILE H 40 -13.98 -21.24 -9.39
C ILE H 40 -13.53 -19.85 -9.84
N THR H 41 -14.13 -19.32 -10.90
CA THR H 41 -13.77 -18.01 -11.44
C THR H 41 -15.00 -17.26 -11.93
N PRO H 42 -14.99 -15.92 -11.83
CA PRO H 42 -16.04 -15.12 -12.47
C PRO H 42 -16.09 -15.37 -13.97
N VAL H 43 -17.16 -14.86 -14.60
CA VAL H 43 -17.50 -15.31 -15.95
C VAL H 43 -16.80 -14.59 -17.09
N GLY H 44 -16.31 -13.36 -16.87
CA GLY H 44 -15.70 -12.59 -17.95
C GLY H 44 -14.20 -12.73 -18.07
N GLU H 45 -13.73 -13.97 -18.18
CA GLU H 45 -12.30 -14.26 -18.04
C GLU H 45 -11.51 -13.95 -19.31
N SER H 46 -11.83 -14.64 -20.41
CA SER H 46 -10.90 -14.74 -21.52
C SER H 46 -10.78 -13.42 -22.26
N TRP H 47 -9.55 -12.97 -22.46
CA TRP H 47 -9.30 -11.73 -23.19
C TRP H 47 -9.50 -11.89 -24.69
N ASP H 48 -9.63 -13.12 -25.20
CA ASP H 48 -9.96 -13.30 -26.61
C ASP H 48 -11.42 -12.96 -26.89
N SER H 49 -12.33 -13.38 -26.01
CA SER H 49 -13.74 -13.06 -26.15
C SER H 49 -13.97 -11.58 -26.41
N TRP H 50 -13.17 -10.71 -25.79
CA TRP H 50 -13.26 -9.28 -26.07
C TRP H 50 -12.51 -8.88 -27.33
N PHE H 51 -11.54 -9.68 -27.78
CA PHE H 51 -10.87 -9.33 -29.02
C PHE H 51 -11.67 -9.81 -30.22
N ASP H 52 -12.38 -10.92 -30.08
CA ASP H 52 -13.25 -11.47 -31.11
C ASP H 52 -14.63 -10.83 -31.10
N GLY H 53 -14.75 -9.64 -30.51
CA GLY H 53 -16.03 -9.05 -30.24
C GLY H 53 -16.31 -7.80 -31.04
N GLU H 54 -17.26 -7.01 -30.53
CA GLU H 54 -17.88 -5.88 -31.21
C GLU H 54 -17.08 -4.58 -31.17
N GLY H 55 -17.75 -3.48 -31.51
CA GLY H 55 -17.30 -2.14 -31.15
C GLY H 55 -16.25 -1.51 -32.05
N ALA H 56 -16.60 -1.27 -33.31
CA ALA H 56 -15.66 -0.65 -34.24
C ALA H 56 -15.23 0.74 -33.76
N SER H 57 -16.16 1.51 -33.19
CA SER H 57 -15.87 2.77 -32.52
C SER H 57 -14.98 3.69 -33.39
N THR H 58 -15.40 3.83 -34.65
CA THR H 58 -14.59 4.53 -35.64
C THR H 58 -14.54 6.03 -35.34
N ASP H 59 -15.65 6.56 -34.86
CA ASP H 59 -15.69 7.94 -34.41
C ASP H 59 -15.16 8.13 -33.00
N PHE H 60 -15.14 7.06 -32.21
CA PHE H 60 -14.95 7.09 -30.77
C PHE H 60 -13.54 7.49 -30.38
N MET H 61 -13.43 8.67 -29.77
CA MET H 61 -12.16 9.17 -29.28
C MET H 61 -11.14 9.31 -30.40
N SER H 62 -11.58 9.94 -31.50
CA SER H 62 -10.64 10.55 -32.42
C SER H 62 -9.74 11.51 -31.65
N THR H 63 -10.28 12.10 -30.58
CA THR H 63 -9.55 12.88 -29.60
C THR H 63 -10.06 12.50 -28.20
N ARG H 64 -9.22 12.72 -27.19
CA ARG H 64 -9.63 12.57 -25.80
C ARG H 64 -9.84 13.89 -25.08
N GLU H 65 -9.36 14.99 -25.65
CA GLU H 65 -9.44 16.35 -25.10
C GLU H 65 -9.22 16.39 -23.58
N GLN H 66 -8.05 15.94 -23.16
CA GLN H 66 -7.70 16.27 -21.79
C GLN H 66 -7.12 17.68 -21.78
N PRO H 67 -7.47 18.51 -20.73
CA PRO H 67 -7.21 19.96 -20.75
C PRO H 67 -5.78 20.39 -20.43
N ALA H 68 -4.82 19.87 -21.19
CA ALA H 68 -3.40 20.11 -20.94
C ALA H 68 -3.01 21.59 -20.98
#